data_9EL7
#
_entry.id   9EL7
#
_cell.length_a   120.104
_cell.length_b   179.769
_cell.length_c   235.063
_cell.angle_alpha   90.00
_cell.angle_beta   90.00
_cell.angle_gamma   90.00
#
_symmetry.space_group_name_H-M   'I 2 2 2'
#
loop_
_entity.id
_entity.type
_entity.pdbx_description
1 polymer 'Lysine-specific histone demethylase 1A'
2 polymer 'REST corepressor 1'
3 non-polymer '[(2R,3S,4R,5R)-5-(6-amino-9H-purin-9-yl)-3,4-dihydroxyoxolan-2-yl]methyl (2S,3S,4R)-5-[(4aS)-7,8-dimethyl-4a-[(1R)-1-{3-[(5-methyl-1,3,4-thiadiazol-2-yl)carbamoyl]phenyl}-3-oxopropyl]-2,4-dioxo-3,4,4a,5-tetrahydrobenzo[g]pteridin-10(2H)-yl]-2,3,4-trihydroxypentyl dihydrogen diphosphate (non-preferred name)'
#
loop_
_entity_poly.entity_id
_entity_poly.type
_entity_poly.pdbx_seq_one_letter_code
_entity_poly.pdbx_strand_id
1 'polypeptide(L)'
;GSSHHHHHHSSGLVPRGSHMLSGKKAAAAAAAAAAAATGTEAGPGTAGGSENGSEVAAQPAGLSGPAEVGPGAVGERTPR
KKEPPRASPPGGLAEPPGSAGPQAGPTVVPGSATPMETGIAETPEGRRTSRRKRAKVEYREMDESLANLSEDEYYSEEER
NAKAEKEKKLPPPPPQAPPEEENESEPEEPSGVEGAAFQSRLPHDRMTSQEAACFPDIISGPQQTQKVFLFIRNRTLQLW
LDNPKIQLTFEATLQQLEAPYNSDTVLVHRVHSYLERHGLINFGIYKRIKPLPTKKTGKVIIIGSGVSGLAAARQLQSFG
MDVTLLEARDRVGGRVATFRKGNYVADLGAMVVTGLGGNPMAVVSKQVNMELAKIKQKCPLYEANGQAVPKEKDEMVEQE
FNRLLEATSYLSHQLDFNVLNNKPVSLGQALEVVIQLQEKHVKDEQIEHWKKIVKTQEELKELLNKMVNLKEKIKELHQQ
YKEASEVKPPRDITAEFLVKSKHRDLTALCKEYDELAETQGKLEEKLQELEANPPSDVYLSSRDRQILDWHFANLEFANA
TPLSTLSLKHWDQDDDFEFTGSHLTVRNGYSCVPVALAEGLDIKLNTAVRQVRYTASGCEVIAVNTRSTSQTFIYKCDAV
LCTLPLGVLKQQPPAVQFVPPLPEWKTSAVQRMGFGNLNKVVLCFDRVFWDPSVNLFGHVGSTTASRGELFLFWNLYKAP
ILLALVAGEAAGIMENISDDVIVGRCLAILKGIFGSSAVPQPKETVVSRWRADPWARGSYSYVAAGSSGNDYDLMAQPIT
PGPSIPGAPQPIPRLFFAGEHTIRNYPATVHGALLSGLREAGRIADQFLGAMYTLPRQATPGVPAQQSPSM
;
A
2 'polypeptide(L)'
;GPLGSPEFRAKRKPPKGMFLSQEDVEAVSANATAATTVLRQLDMELVSVKRQIQNIKQTNSALKEKLDGGIEPYRLPEVI
QKCNARWTTEEQLLAVQAIRKYGRDFQAISDVIGNKSVVQVKNFFVNYRRRFNIDEVLQEWEAE
;
B
#
# COMPACT_ATOMS: atom_id res chain seq x y z
N PRO A 190 -0.89 -0.15 28.86
CA PRO A 190 -0.46 -1.09 29.91
C PRO A 190 -0.19 -0.33 31.21
N SER A 191 -0.19 -1.02 32.36
CA SER A 191 0.00 -0.30 33.65
C SER A 191 0.86 -1.10 34.64
N GLY A 192 1.47 -0.39 35.58
CA GLY A 192 2.27 -1.03 36.63
C GLY A 192 3.65 -1.45 36.15
N VAL A 193 4.20 -2.49 36.75
CA VAL A 193 5.55 -2.97 36.34
C VAL A 193 5.47 -3.45 34.90
N GLU A 194 4.40 -4.12 34.50
CA GLU A 194 4.26 -4.61 33.11
C GLU A 194 4.29 -3.42 32.13
N GLY A 195 3.73 -2.26 32.50
CA GLY A 195 3.79 -1.07 31.66
C GLY A 195 5.21 -0.62 31.47
N ALA A 196 6.05 -0.72 32.50
CA ALA A 196 7.47 -0.33 32.39
C ALA A 196 8.19 -1.19 31.34
N ALA A 197 7.88 -2.48 31.28
CA ALA A 197 8.50 -3.37 30.29
C ALA A 197 8.11 -2.93 28.88
N PHE A 198 6.88 -2.50 28.70
CA PHE A 198 6.42 -2.05 27.39
C PHE A 198 7.12 -0.75 27.06
N GLN A 199 7.21 0.15 28.03
CA GLN A 199 7.85 1.43 27.75
C GLN A 199 9.35 1.28 27.48
N SER A 200 9.94 0.13 27.79
CA SER A 200 11.32 -0.18 27.50
C SER A 200 11.47 -1.09 26.27
N ARG A 201 10.40 -1.30 25.52
CA ARG A 201 10.40 -2.18 24.35
C ARG A 201 10.79 -3.61 24.69
N LEU A 202 10.44 -4.07 25.91
CA LEU A 202 10.72 -5.44 26.35
C LEU A 202 9.44 -6.19 26.70
N PRO A 203 9.35 -7.49 26.37
CA PRO A 203 8.22 -8.31 26.87
C PRO A 203 8.31 -8.47 28.38
N HIS A 204 7.18 -8.26 29.07
CA HIS A 204 7.21 -8.42 30.53
C HIS A 204 7.30 -9.86 30.99
N ASP A 205 6.96 -10.81 30.14
CA ASP A 205 6.73 -12.18 30.60
C ASP A 205 7.72 -13.18 30.02
N ARG A 206 8.74 -12.71 29.34
CA ARG A 206 9.75 -13.57 28.76
C ARG A 206 11.07 -12.83 28.84
N MET A 207 12.18 -13.57 28.89
CA MET A 207 13.47 -12.91 28.80
C MET A 207 13.95 -12.89 27.37
N THR A 208 14.58 -11.76 27.01
CA THR A 208 15.08 -11.49 25.67
C THR A 208 16.37 -12.25 25.43
N SER A 209 16.79 -12.28 24.17
CA SER A 209 18.07 -12.87 23.81
C SER A 209 19.23 -12.15 24.50
N GLN A 210 19.13 -10.83 24.67
CA GLN A 210 20.19 -10.09 25.33
C GLN A 210 20.39 -10.58 26.76
N GLU A 211 19.28 -10.84 27.47
CA GLU A 211 19.34 -11.21 28.87
C GLU A 211 19.76 -12.66 29.03
N ALA A 212 19.30 -13.53 28.14
CA ALA A 212 19.80 -14.89 28.13
C ALA A 212 21.32 -14.93 28.05
N ALA A 213 21.91 -13.96 27.34
CA ALA A 213 23.36 -13.95 27.23
C ALA A 213 24.01 -13.52 28.53
N CYS A 214 23.45 -12.55 29.23
CA CYS A 214 24.01 -12.10 30.49
C CYS A 214 23.58 -12.91 31.70
N PHE A 215 22.49 -13.68 31.61
CA PHE A 215 22.01 -14.47 32.73
C PHE A 215 21.72 -15.89 32.26
N PRO A 216 22.67 -16.55 31.61
CA PRO A 216 22.41 -17.91 31.13
C PRO A 216 22.10 -18.87 32.24
N ASP A 217 22.48 -18.53 33.49
CA ASP A 217 22.10 -19.38 34.61
C ASP A 217 20.58 -19.38 34.82
N ILE A 218 19.96 -18.21 34.69
CA ILE A 218 18.55 -18.04 35.03
C ILE A 218 17.63 -18.60 33.94
N ILE A 219 17.89 -18.24 32.68
CA ILE A 219 17.07 -18.75 31.59
C ILE A 219 17.16 -20.28 31.48
N SER A 220 18.31 -20.88 31.78
CA SER A 220 18.40 -22.33 31.65
C SER A 220 17.85 -23.07 32.86
N GLY A 221 17.47 -22.34 33.91
CA GLY A 221 17.10 -22.91 35.17
C GLY A 221 15.61 -22.96 35.39
N PRO A 222 15.22 -23.04 36.67
CA PRO A 222 13.81 -23.18 37.03
C PRO A 222 12.94 -21.98 36.64
N GLN A 223 11.79 -22.29 36.02
CA GLN A 223 10.86 -21.26 35.56
C GLN A 223 10.46 -20.29 36.66
N GLN A 224 10.57 -20.70 37.93
CA GLN A 224 10.20 -19.79 39.00
C GLN A 224 11.20 -18.65 39.13
N THR A 225 12.49 -18.97 39.15
CA THR A 225 13.51 -17.92 39.24
C THR A 225 13.40 -16.95 38.07
N GLN A 226 13.02 -17.46 36.88
CA GLN A 226 12.82 -16.59 35.73
C GLN A 226 11.78 -15.50 36.02
N LYS A 227 10.68 -15.87 36.68
CA LYS A 227 9.67 -14.86 37.01
C LYS A 227 10.19 -13.89 38.06
N VAL A 228 11.08 -14.36 38.93
CA VAL A 228 11.67 -13.49 39.93
C VAL A 228 12.50 -12.41 39.23
N PHE A 229 13.51 -12.85 38.48
CA PHE A 229 14.29 -11.97 37.61
C PHE A 229 13.41 -10.99 36.87
N LEU A 230 12.43 -11.53 36.12
CA LEU A 230 11.60 -10.70 35.26
C LEU A 230 10.93 -9.59 36.06
N PHE A 231 10.40 -9.94 37.24
CA PHE A 231 9.82 -8.90 38.08
C PHE A 231 10.88 -7.90 38.53
N ILE A 232 12.06 -8.40 38.90
CA ILE A 232 13.13 -7.52 39.33
C ILE A 232 13.47 -6.54 38.22
N ARG A 233 13.62 -7.04 36.98
CA ARG A 233 13.85 -6.17 35.85
C ARG A 233 12.76 -5.12 35.75
N ASN A 234 11.50 -5.59 35.72
CA ASN A 234 10.37 -4.71 35.41
C ASN A 234 10.23 -3.63 36.46
N ARG A 235 10.43 -3.99 37.74
CA ARG A 235 10.25 -3.03 38.82
C ARG A 235 11.39 -2.02 38.90
N THR A 236 12.59 -2.41 38.48
CA THR A 236 13.66 -1.43 38.36
C THR A 236 13.41 -0.47 37.21
N LEU A 237 13.03 -1.02 36.05
CA LEU A 237 12.63 -0.17 34.94
C LEU A 237 11.59 0.83 35.39
N GLN A 238 10.58 0.35 36.15
CA GLN A 238 9.54 1.24 36.64
C GLN A 238 10.14 2.39 37.41
N LEU A 239 10.93 2.08 38.44
CA LEU A 239 11.55 3.12 39.26
C LEU A 239 12.20 4.20 38.40
N TRP A 240 13.10 3.80 37.50
CA TRP A 240 13.73 4.76 36.60
C TRP A 240 12.70 5.57 35.84
N LEU A 241 11.69 4.89 35.30
CA LEU A 241 10.75 5.56 34.39
C LEU A 241 9.88 6.57 35.10
N ASP A 242 9.40 6.23 36.30
CA ASP A 242 8.52 7.14 37.05
C ASP A 242 9.26 8.37 37.54
N ASN A 243 10.59 8.36 37.51
CA ASN A 243 11.33 9.58 37.71
C ASN A 243 12.69 9.46 37.05
N PRO A 244 12.87 10.04 35.86
CA PRO A 244 14.12 9.85 35.15
C PRO A 244 14.97 11.11 35.17
N LYS A 245 14.73 12.01 36.12
CA LYS A 245 15.59 13.18 36.22
C LYS A 245 16.72 12.99 37.23
N ILE A 246 16.78 11.85 37.91
CA ILE A 246 17.84 11.56 38.87
C ILE A 246 18.28 10.11 38.75
N GLN A 247 19.59 9.88 38.91
CA GLN A 247 20.17 8.55 38.79
C GLN A 247 19.45 7.56 39.70
N LEU A 248 19.32 6.33 39.22
CA LEU A 248 18.71 5.26 40.01
C LEU A 248 19.83 4.34 40.49
N THR A 249 20.30 4.60 41.71
CA THR A 249 21.35 3.79 42.30
C THR A 249 20.81 2.45 42.75
N PHE A 250 21.73 1.50 42.95
CA PHE A 250 21.35 0.11 43.23
C PHE A 250 20.70 -0.02 44.60
N GLU A 251 21.33 0.66 45.56
CA GLU A 251 20.82 0.71 46.95
C GLU A 251 19.40 1.22 46.89
N ALA A 252 19.21 2.30 46.15
CA ALA A 252 17.86 2.89 46.04
C ALA A 252 16.91 1.87 45.42
N THR A 253 17.36 1.14 44.41
CA THR A 253 16.48 0.11 43.84
C THR A 253 16.19 -0.93 44.91
N LEU A 254 17.20 -1.33 45.66
CA LEU A 254 16.97 -2.40 46.66
C LEU A 254 15.98 -1.93 47.73
N GLN A 255 16.05 -0.68 48.15
CA GLN A 255 15.13 -0.26 49.22
C GLN A 255 13.69 -0.41 48.77
N GLN A 256 13.35 0.07 47.58
CA GLN A 256 11.95 0.00 47.09
C GLN A 256 11.55 -1.44 46.80
N LEU A 257 12.50 -2.30 46.45
CA LEU A 257 12.19 -3.72 46.20
C LEU A 257 11.72 -4.34 47.52
N GLU A 258 10.79 -5.29 47.43
CA GLU A 258 10.21 -5.92 48.63
C GLU A 258 10.46 -7.42 48.60
N ALA A 259 10.29 -8.08 49.74
CA ALA A 259 10.45 -9.54 49.82
C ALA A 259 9.28 -10.20 49.09
N PRO A 260 9.49 -11.38 48.48
CA PRO A 260 10.74 -12.10 48.61
C PRO A 260 11.75 -11.70 47.54
N TYR A 261 11.37 -10.75 46.70
CA TYR A 261 12.16 -10.23 45.57
C TYR A 261 13.44 -9.56 46.05
N ASN A 262 13.44 -8.95 47.23
CA ASN A 262 14.66 -8.27 47.72
C ASN A 262 15.52 -9.18 48.58
N SER A 263 15.27 -10.49 48.56
CA SER A 263 16.07 -11.44 49.35
C SER A 263 17.46 -11.59 48.76
N ASP A 264 17.53 -12.05 47.51
CA ASP A 264 18.77 -12.33 46.79
C ASP A 264 19.40 -11.01 46.37
N THR A 265 20.33 -10.53 47.19
CA THR A 265 20.89 -9.21 46.97
C THR A 265 21.75 -9.14 45.70
N VAL A 266 22.32 -10.27 45.26
CA VAL A 266 23.21 -10.21 44.10
C VAL A 266 22.41 -10.28 42.79
N LEU A 267 21.35 -11.10 42.75
CA LEU A 267 20.43 -11.03 41.62
C LEU A 267 20.01 -9.59 41.34
N VAL A 268 19.72 -8.82 42.39
CA VAL A 268 19.34 -7.43 42.18
C VAL A 268 20.54 -6.61 41.73
N HIS A 269 21.74 -6.91 42.24
CA HIS A 269 22.90 -6.15 41.76
C HIS A 269 23.20 -6.48 40.30
N ARG A 270 23.10 -7.76 39.91
CA ARG A 270 23.28 -8.11 38.50
C ARG A 270 22.27 -7.39 37.62
N VAL A 271 20.97 -7.51 37.93
CA VAL A 271 19.94 -6.91 37.11
C VAL A 271 20.18 -5.43 36.93
N HIS A 272 20.37 -4.72 38.04
CA HIS A 272 20.58 -3.27 37.96
C HIS A 272 21.80 -2.95 37.11
N SER A 273 22.85 -3.74 37.24
CA SER A 273 24.06 -3.43 36.49
C SER A 273 23.86 -3.68 35.00
N TYR A 274 23.10 -4.71 34.65
CA TYR A 274 22.76 -4.96 33.25
C TYR A 274 21.97 -3.80 32.65
N LEU A 275 20.90 -3.39 33.34
CA LEU A 275 20.10 -2.29 32.82
C LEU A 275 20.92 -1.01 32.72
N GLU A 276 21.84 -0.80 33.64
CA GLU A 276 22.60 0.44 33.60
C GLU A 276 23.56 0.43 32.42
N ARG A 277 24.15 -0.74 32.18
CA ARG A 277 25.18 -0.88 31.15
C ARG A 277 24.57 -0.64 29.79
N HIS A 278 23.43 -1.28 29.54
CA HIS A 278 22.80 -1.22 28.24
C HIS A 278 21.79 -0.12 28.14
N GLY A 279 21.87 0.88 29.00
CA GLY A 279 21.13 2.11 28.81
C GLY A 279 19.63 2.01 28.94
N LEU A 280 19.11 0.96 29.57
CA LEU A 280 17.67 0.91 29.85
C LEU A 280 17.28 1.80 31.02
N ILE A 281 18.21 2.07 31.93
CA ILE A 281 18.04 3.04 33.00
C ILE A 281 19.25 3.95 33.00
N ASN A 282 19.11 5.11 33.63
CA ASN A 282 20.23 6.05 33.82
C ASN A 282 20.88 6.37 32.49
N PHE A 283 20.06 6.79 31.54
CA PHE A 283 20.52 7.26 30.24
C PHE A 283 19.93 8.64 30.02
N GLY A 284 20.63 9.44 29.26
CA GLY A 284 20.04 10.72 28.92
C GLY A 284 20.66 11.86 29.70
N ILE A 285 19.83 12.64 30.39
CA ILE A 285 20.30 13.77 31.18
C ILE A 285 19.68 13.65 32.55
N TYR A 286 20.43 13.06 33.47
CA TYR A 286 20.02 12.83 34.84
C TYR A 286 21.04 13.51 35.75
N LYS A 287 20.61 13.87 36.96
CA LYS A 287 21.58 14.27 37.97
C LYS A 287 22.10 13.02 38.66
N ARG A 288 23.40 13.04 38.97
CA ARG A 288 24.04 11.95 39.67
C ARG A 288 23.83 12.11 41.16
N ILE A 289 23.52 11.01 41.85
CA ILE A 289 23.82 10.96 43.28
C ILE A 289 25.33 10.82 43.39
N LYS A 290 25.81 9.66 42.96
CA LYS A 290 27.24 9.28 42.99
C LYS A 290 28.02 10.07 41.95
N PRO A 291 28.90 11.02 42.34
CA PRO A 291 29.67 11.80 41.40
C PRO A 291 30.70 10.90 40.72
N LEU A 292 31.12 11.34 39.54
CA LEU A 292 32.01 10.53 38.68
C LEU A 292 33.30 10.19 39.42
N PRO A 293 33.80 8.95 39.23
CA PRO A 293 35.07 8.56 39.80
C PRO A 293 36.08 9.49 39.13
N THR A 294 37.01 10.00 39.93
CA THR A 294 37.97 11.01 39.45
C THR A 294 38.82 10.50 38.30
N LYS A 295 39.23 9.23 38.32
CA LYS A 295 40.10 8.79 37.19
C LYS A 295 39.35 7.88 36.23
N LYS A 296 39.38 8.28 34.97
CA LYS A 296 38.76 7.61 33.82
C LYS A 296 39.63 6.42 33.42
N THR A 297 39.03 5.43 32.80
CA THR A 297 39.79 4.26 32.34
C THR A 297 39.51 4.10 30.86
N GLY A 298 40.51 4.04 30.00
CA GLY A 298 40.25 3.81 28.57
C GLY A 298 39.97 5.06 27.78
N LYS A 299 40.34 5.07 26.50
CA LYS A 299 40.07 6.26 25.70
C LYS A 299 39.29 5.89 24.44
N VAL A 300 38.18 6.60 24.18
CA VAL A 300 37.36 6.39 23.00
C VAL A 300 37.25 7.67 22.22
N ILE A 301 37.47 7.59 20.92
CA ILE A 301 37.18 8.66 19.97
C ILE A 301 35.87 8.34 19.26
N ILE A 302 34.98 9.33 19.20
CA ILE A 302 33.64 9.19 18.61
C ILE A 302 33.54 10.11 17.40
N ILE A 303 33.31 9.53 16.22
CA ILE A 303 33.19 10.33 15.01
C ILE A 303 31.73 10.76 14.84
N GLY A 304 31.50 12.06 14.89
CA GLY A 304 30.18 12.62 14.69
C GLY A 304 29.51 12.95 16.00
N SER A 305 28.94 14.14 16.13
CA SER A 305 28.14 14.48 17.31
C SER A 305 26.67 14.65 16.93
N GLY A 306 26.18 13.78 16.06
CA GLY A 306 24.76 13.60 15.95
C GLY A 306 24.23 12.95 17.21
N VAL A 307 22.94 12.63 17.18
CA VAL A 307 22.32 12.05 18.36
C VAL A 307 22.98 10.73 18.70
N SER A 308 23.28 9.90 17.69
CA SER A 308 23.83 8.59 18.05
C SER A 308 25.20 8.77 18.72
N GLY A 309 26.05 9.63 18.14
CA GLY A 309 27.29 10.02 18.78
C GLY A 309 27.12 10.51 20.21
N LEU A 310 26.31 11.55 20.39
CA LEU A 310 26.10 12.13 21.71
C LEU A 310 25.61 11.08 22.69
N ALA A 311 24.67 10.24 22.27
CA ALA A 311 24.10 9.31 23.23
C ALA A 311 25.14 8.31 23.73
N ALA A 312 26.06 7.89 22.86
CA ALA A 312 27.13 7.01 23.33
C ALA A 312 28.11 7.77 24.21
N ALA A 313 28.54 8.95 23.75
CA ALA A 313 29.49 9.75 24.49
C ALA A 313 29.04 9.94 25.94
N ARG A 314 27.76 10.25 26.15
CA ARG A 314 27.28 10.46 27.50
C ARG A 314 27.34 9.17 28.29
N GLN A 315 26.93 8.07 27.66
CA GLN A 315 26.96 6.81 28.37
C GLN A 315 28.38 6.43 28.76
N LEU A 316 29.34 6.65 27.85
CA LEU A 316 30.69 6.23 28.10
C LEU A 316 31.32 7.05 29.23
N GLN A 317 31.23 8.38 29.12
CA GLN A 317 31.56 9.23 30.26
C GLN A 317 30.88 8.75 31.54
N SER A 318 29.56 8.56 31.49
CA SER A 318 28.81 7.96 32.60
C SER A 318 29.51 6.73 33.18
N PHE A 319 30.24 5.98 32.35
CA PHE A 319 30.83 4.72 32.77
C PHE A 319 32.27 4.88 33.22
N GLY A 320 32.80 6.10 33.21
CA GLY A 320 34.17 6.32 33.61
C GLY A 320 35.17 6.16 32.49
N MET A 321 34.81 6.50 31.26
CA MET A 321 35.80 6.48 30.20
C MET A 321 36.10 7.90 29.75
N ASP A 322 37.24 8.03 29.06
CA ASP A 322 37.62 9.30 28.47
C ASP A 322 37.06 9.31 27.05
N VAL A 323 36.21 10.29 26.75
CA VAL A 323 35.51 10.33 25.48
C VAL A 323 35.74 11.69 24.82
N THR A 324 36.08 11.65 23.55
CA THR A 324 36.14 12.87 22.75
C THR A 324 35.38 12.63 21.45
N LEU A 325 34.55 13.61 21.08
CA LEU A 325 33.80 13.57 19.83
C LEU A 325 34.42 14.53 18.84
N LEU A 326 34.57 14.06 17.59
CA LEU A 326 34.99 14.90 16.48
C LEU A 326 33.80 15.17 15.58
N GLU A 327 33.60 16.43 15.21
CA GLU A 327 32.44 16.87 14.46
C GLU A 327 32.87 17.77 13.33
N ALA A 328 32.53 17.38 12.10
CA ALA A 328 32.89 18.19 10.94
C ALA A 328 32.20 19.56 11.01
N ARG A 329 30.93 19.58 11.42
CA ARG A 329 30.13 20.79 11.41
C ARG A 329 30.59 21.74 12.51
N ASP A 330 30.13 22.99 12.40
CA ASP A 330 30.22 23.96 13.48
C ASP A 330 29.08 23.85 14.49
N ARG A 331 28.43 22.68 14.60
CA ARG A 331 27.32 22.53 15.54
C ARG A 331 27.10 21.06 15.82
N VAL A 332 26.49 20.79 16.99
CA VAL A 332 26.06 19.43 17.29
C VAL A 332 24.76 19.12 16.55
N GLY A 333 24.20 17.92 16.76
CA GLY A 333 22.89 17.58 16.27
C GLY A 333 22.84 16.83 14.95
N GLY A 334 23.76 17.09 14.05
CA GLY A 334 23.76 16.31 12.84
C GLY A 334 22.54 16.63 12.01
N ARG A 335 21.84 15.57 11.60
CA ARG A 335 20.58 15.66 10.87
C ARG A 335 19.42 16.11 11.75
N VAL A 336 19.66 16.44 13.01
CA VAL A 336 18.76 17.29 13.77
C VAL A 336 19.29 18.72 13.58
N ALA A 337 18.71 19.41 12.62
CA ALA A 337 19.01 20.79 12.33
C ALA A 337 17.80 21.64 12.67
N THR A 338 18.05 22.84 13.17
CA THR A 338 16.98 23.77 13.52
C THR A 338 17.35 25.15 13.01
N PHE A 339 16.42 25.78 12.29
CA PHE A 339 16.59 27.15 11.85
C PHE A 339 16.14 28.08 12.97
N ARG A 340 16.94 29.12 13.23
CA ARG A 340 16.58 30.15 14.20
C ARG A 340 17.00 31.51 13.66
N LYS A 341 16.01 32.41 13.55
CA LYS A 341 16.25 33.81 13.26
C LYS A 341 15.09 34.57 13.89
N GLY A 342 15.38 35.49 14.79
CA GLY A 342 14.34 36.07 15.61
C GLY A 342 13.58 34.97 16.33
N ASN A 343 12.25 35.10 16.35
CA ASN A 343 11.35 34.09 16.90
C ASN A 343 10.91 33.07 15.87
N TYR A 344 11.46 33.16 14.65
CA TYR A 344 11.28 32.10 13.67
C TYR A 344 12.09 30.88 14.09
N VAL A 345 11.43 29.73 14.12
CA VAL A 345 12.00 28.43 14.51
C VAL A 345 11.42 27.34 13.63
N ALA A 346 12.28 26.61 12.93
CA ALA A 346 11.79 25.59 12.00
C ALA A 346 12.88 24.53 11.78
N ASP A 347 12.55 23.26 12.03
CA ASP A 347 13.49 22.16 11.81
C ASP A 347 13.71 21.90 10.32
N LEU A 348 14.96 21.88 9.89
CA LEU A 348 15.26 21.39 8.57
C LEU A 348 15.49 19.88 8.55
N GLY A 349 15.53 19.26 9.71
CA GLY A 349 15.78 17.82 9.75
C GLY A 349 14.69 17.11 10.47
N ALA A 350 15.01 16.31 11.47
CA ALA A 350 13.97 15.55 12.19
C ALA A 350 13.01 16.53 12.84
N MET A 351 11.72 16.27 12.73
CA MET A 351 10.78 17.23 13.32
C MET A 351 9.67 16.53 14.06
N VAL A 352 9.54 15.23 13.95
CA VAL A 352 8.35 14.61 14.57
C VAL A 352 8.73 13.50 15.53
N VAL A 353 8.10 13.47 16.69
CA VAL A 353 8.29 12.38 17.67
C VAL A 353 7.19 11.37 17.37
N THR A 354 7.53 10.27 16.76
CA THR A 354 6.49 9.40 16.27
C THR A 354 5.83 8.56 17.36
N GLY A 355 5.31 9.22 18.40
CA GLY A 355 4.49 8.53 19.39
C GLY A 355 5.24 8.04 20.60
N LEU A 356 4.72 8.26 21.81
CA LEU A 356 5.52 8.02 23.03
C LEU A 356 5.33 6.63 23.62
N GLY A 357 4.57 5.75 22.99
CA GLY A 357 4.36 4.45 23.58
C GLY A 357 5.51 3.52 23.30
N GLY A 358 6.43 3.41 24.28
CA GLY A 358 7.66 2.66 24.11
C GLY A 358 8.79 3.45 23.49
N ASN A 359 8.63 4.74 23.33
CA ASN A 359 9.63 5.59 22.72
C ASN A 359 10.60 6.08 23.78
N PRO A 360 11.92 5.90 23.60
CA PRO A 360 12.86 6.44 24.57
C PRO A 360 12.90 7.96 24.59
N MET A 361 12.46 8.61 23.50
CA MET A 361 12.35 10.07 23.54
C MET A 361 11.37 10.55 24.59
N ALA A 362 10.43 9.68 25.00
CA ALA A 362 9.56 9.99 26.14
C ALA A 362 10.38 10.33 27.37
N VAL A 363 11.31 9.44 27.75
CA VAL A 363 12.22 9.70 28.85
C VAL A 363 12.96 11.01 28.63
N VAL A 364 13.39 11.26 27.39
CA VAL A 364 14.14 12.46 27.14
C VAL A 364 13.28 13.70 27.33
N SER A 365 11.97 13.60 27.05
CA SER A 365 11.09 14.76 27.13
C SER A 365 10.82 15.16 28.56
N LYS A 366 11.00 14.24 29.48
CA LYS A 366 10.84 14.65 30.88
C LYS A 366 12.16 15.31 31.29
N GLN A 367 13.26 14.96 30.64
CA GLN A 367 14.59 15.51 31.02
C GLN A 367 14.89 16.82 30.32
N VAL A 368 14.24 17.15 29.21
CA VAL A 368 14.59 18.42 28.49
C VAL A 368 13.31 19.21 28.27
N ASN A 369 13.37 20.53 28.21
CA ASN A 369 12.08 21.23 28.03
C ASN A 369 11.72 21.15 26.55
N MET A 370 11.01 20.10 26.17
CA MET A 370 10.56 19.96 24.78
C MET A 370 9.08 20.35 24.79
N GLU A 371 8.70 21.29 23.93
CA GLU A 371 7.28 21.69 23.83
C GLU A 371 6.68 20.76 22.79
N LEU A 372 6.02 19.71 23.26
CA LEU A 372 5.51 18.65 22.38
C LEU A 372 4.04 18.90 22.02
N ALA A 373 3.79 19.26 20.75
CA ALA A 373 2.48 19.67 20.26
C ALA A 373 1.92 18.62 19.31
N LYS A 374 0.70 18.13 19.61
CA LYS A 374 0.06 17.08 18.82
C LYS A 374 -0.18 17.52 17.37
N ILE A 375 -0.43 16.53 16.52
CA ILE A 375 -0.59 16.73 15.08
C ILE A 375 -2.02 16.38 14.71
N LYS A 376 -2.74 17.36 14.16
CA LYS A 376 -4.10 17.16 13.66
C LYS A 376 -4.00 16.52 12.28
N GLN A 377 -4.39 15.25 12.18
CA GLN A 377 -4.05 14.44 11.02
C GLN A 377 -4.83 14.83 9.76
N LYS A 378 -5.79 15.75 9.86
CA LYS A 378 -6.64 16.09 8.73
C LYS A 378 -5.86 16.92 7.69
N CYS A 379 -5.88 16.48 6.43
CA CYS A 379 -5.11 17.14 5.37
C CYS A 379 -5.97 17.37 4.12
N PRO A 380 -6.36 18.61 3.85
CA PRO A 380 -7.08 18.95 2.60
C PRO A 380 -6.18 18.93 1.39
N LEU A 381 -6.53 18.09 0.41
CA LEU A 381 -5.89 18.08 -0.90
C LEU A 381 -6.41 19.24 -1.76
N TYR A 382 -5.51 19.98 -2.42
CA TYR A 382 -5.89 21.11 -3.26
C TYR A 382 -5.27 20.94 -4.63
N GLU A 383 -6.10 20.75 -5.65
CA GLU A 383 -5.54 20.27 -6.90
C GLU A 383 -4.88 21.45 -7.64
N ALA A 384 -4.28 21.17 -8.81
CA ALA A 384 -3.36 22.14 -9.39
C ALA A 384 -4.05 23.45 -9.78
N ASN A 385 -5.37 23.44 -9.99
CA ASN A 385 -6.12 24.67 -10.24
C ASN A 385 -6.00 25.64 -9.06
N GLY A 386 -6.19 25.14 -7.84
CA GLY A 386 -6.21 25.94 -6.64
C GLY A 386 -7.42 25.68 -5.76
N GLN A 387 -8.11 24.56 -5.98
CA GLN A 387 -9.38 24.27 -5.34
C GLN A 387 -9.42 22.84 -4.82
N ALA A 388 -10.07 22.68 -3.67
CA ALA A 388 -10.11 21.42 -2.95
C ALA A 388 -10.53 20.24 -3.82
N VAL A 389 -10.10 19.05 -3.44
CA VAL A 389 -10.65 17.84 -4.04
C VAL A 389 -11.90 17.52 -3.23
N PRO A 390 -13.05 17.34 -3.89
CA PRO A 390 -14.28 17.08 -3.16
C PRO A 390 -14.20 15.83 -2.29
N LYS A 391 -14.74 15.93 -1.06
CA LYS A 391 -14.71 14.83 -0.11
C LYS A 391 -15.20 13.51 -0.69
N GLU A 392 -15.96 13.55 -1.78
CA GLU A 392 -16.32 12.32 -2.48
C GLU A 392 -15.09 11.62 -3.00
N LYS A 393 -14.22 12.39 -3.65
CA LYS A 393 -13.12 11.91 -4.47
C LYS A 393 -11.86 11.73 -3.63
N ASP A 394 -11.58 12.68 -2.74
CA ASP A 394 -10.53 12.51 -1.74
C ASP A 394 -10.62 11.15 -1.06
N GLU A 395 -11.81 10.75 -0.65
CA GLU A 395 -11.91 9.52 0.13
C GLU A 395 -11.80 8.28 -0.74
N MET A 396 -12.26 8.30 -1.98
CA MET A 396 -12.19 7.01 -2.63
C MET A 396 -10.84 6.79 -3.29
N VAL A 397 -10.12 7.86 -3.65
CA VAL A 397 -8.74 7.69 -4.10
C VAL A 397 -7.88 7.19 -2.95
N GLU A 398 -7.91 7.90 -1.81
CA GLU A 398 -7.23 7.42 -0.61
C GLU A 398 -7.53 5.95 -0.32
N GLN A 399 -8.79 5.51 -0.52
CA GLN A 399 -9.11 4.11 -0.28
C GLN A 399 -8.51 3.20 -1.34
N GLU A 400 -8.37 3.70 -2.58
CA GLU A 400 -7.75 2.87 -3.61
C GLU A 400 -6.26 2.74 -3.37
N PHE A 401 -5.62 3.87 -3.06
CA PHE A 401 -4.24 3.91 -2.58
C PHE A 401 -3.99 2.81 -1.55
N ASN A 402 -4.78 2.79 -0.47
CA ASN A 402 -4.55 1.80 0.57
C ASN A 402 -4.77 0.40 0.02
N ARG A 403 -5.69 0.27 -0.91
CA ARG A 403 -5.99 -1.08 -1.44
C ARG A 403 -4.83 -1.50 -2.33
N LEU A 404 -4.34 -0.58 -3.13
CA LEU A 404 -3.17 -0.89 -3.95
C LEU A 404 -1.98 -1.35 -3.10
N LEU A 405 -1.82 -0.80 -1.89
CA LEU A 405 -0.76 -1.28 -1.02
C LEU A 405 -0.96 -2.73 -0.61
N GLU A 406 -2.12 -3.06 0.00
CA GLU A 406 -2.41 -4.44 0.37
C GLU A 406 -2.15 -5.39 -0.80
N ALA A 407 -2.52 -4.95 -2.00
CA ALA A 407 -2.35 -5.75 -3.20
C ALA A 407 -0.88 -6.10 -3.45
N THR A 408 0.02 -5.11 -3.34
CA THR A 408 1.44 -5.41 -3.48
C THR A 408 1.89 -6.41 -2.43
N SER A 409 1.35 -6.28 -1.22
CA SER A 409 1.70 -7.22 -0.16
C SER A 409 1.23 -8.63 -0.51
N TYR A 410 0.02 -8.73 -1.07
CA TYR A 410 -0.48 -9.99 -1.61
C TYR A 410 0.48 -10.54 -2.67
N LEU A 411 0.80 -9.74 -3.70
CA LEU A 411 1.85 -10.11 -4.65
C LEU A 411 3.10 -10.62 -3.96
N SER A 412 3.56 -9.89 -2.93
CA SER A 412 4.83 -10.25 -2.30
C SER A 412 4.70 -11.55 -1.52
N HIS A 413 3.81 -11.60 -0.51
CA HIS A 413 3.80 -12.70 0.44
C HIS A 413 2.97 -13.90 -0.01
N GLN A 414 1.97 -13.72 -0.87
CA GLN A 414 1.16 -14.88 -1.22
C GLN A 414 1.55 -15.50 -2.56
N LEU A 415 1.95 -14.68 -3.55
CA LEU A 415 2.33 -15.13 -4.88
C LEU A 415 3.85 -15.15 -5.13
N ASP A 416 4.66 -14.84 -4.11
CA ASP A 416 6.14 -14.77 -4.16
C ASP A 416 6.63 -14.07 -5.44
N PHE A 417 6.06 -12.90 -5.72
CA PHE A 417 6.46 -12.10 -6.88
C PHE A 417 7.61 -11.16 -6.48
N ASN A 418 8.74 -11.77 -6.14
CA ASN A 418 9.83 -10.93 -5.60
C ASN A 418 11.05 -10.90 -6.50
N VAL A 419 11.06 -11.61 -7.61
CA VAL A 419 12.24 -11.51 -8.51
C VAL A 419 11.74 -11.38 -9.94
N LEU A 420 12.28 -10.46 -10.73
CA LEU A 420 11.86 -10.36 -12.15
C LEU A 420 13.08 -10.15 -13.03
N ASN A 421 13.34 -11.06 -13.95
CA ASN A 421 14.49 -10.99 -14.90
C ASN A 421 15.81 -10.89 -14.15
N ASN A 422 15.95 -11.66 -13.06
CA ASN A 422 17.13 -11.80 -12.16
C ASN A 422 17.29 -10.61 -11.22
N LYS A 423 16.36 -9.67 -11.22
CA LYS A 423 16.51 -8.48 -10.37
C LYS A 423 15.39 -8.51 -9.35
N PRO A 424 15.62 -8.08 -8.11
CA PRO A 424 14.61 -8.07 -7.11
C PRO A 424 13.55 -7.04 -7.49
N VAL A 425 12.30 -7.36 -7.21
CA VAL A 425 11.17 -6.47 -7.56
C VAL A 425 11.14 -5.29 -6.61
N SER A 426 10.88 -4.11 -7.13
CA SER A 426 10.73 -2.92 -6.28
C SER A 426 9.27 -2.74 -5.92
N LEU A 427 8.97 -1.81 -5.03
CA LEU A 427 7.59 -1.52 -4.71
C LEU A 427 6.90 -0.81 -5.86
N GLY A 428 7.60 0.14 -6.49
CA GLY A 428 7.02 0.88 -7.60
C GLY A 428 6.64 -0.02 -8.77
N GLN A 429 7.51 -0.95 -9.13
CA GLN A 429 7.13 -1.97 -10.12
C GLN A 429 5.86 -2.67 -9.72
N ALA A 430 5.84 -3.23 -8.51
CA ALA A 430 4.67 -3.98 -8.06
C ALA A 430 3.41 -3.12 -8.08
N LEU A 431 3.54 -1.82 -7.81
CA LEU A 431 2.36 -0.95 -7.91
C LEU A 431 1.88 -0.83 -9.36
N GLU A 432 2.81 -0.67 -10.31
CA GLU A 432 2.44 -0.65 -11.71
C GLU A 432 1.72 -1.93 -12.10
N VAL A 433 2.33 -3.07 -11.80
CA VAL A 433 1.68 -4.34 -12.10
C VAL A 433 0.26 -4.39 -11.54
N VAL A 434 0.08 -3.94 -10.29
CA VAL A 434 -1.25 -4.02 -9.71
C VAL A 434 -2.20 -3.05 -10.41
N ILE A 435 -1.71 -1.87 -10.79
CA ILE A 435 -2.60 -0.94 -11.49
C ILE A 435 -2.98 -1.49 -12.85
N GLN A 436 -2.00 -1.95 -13.64
CA GLN A 436 -2.30 -2.55 -14.94
C GLN A 436 -3.36 -3.64 -14.80
N LEU A 437 -3.15 -4.60 -13.89
CA LEU A 437 -4.13 -5.67 -13.74
C LEU A 437 -5.49 -5.16 -13.32
N GLN A 438 -5.58 -3.98 -12.72
CA GLN A 438 -6.89 -3.41 -12.46
C GLN A 438 -7.43 -2.68 -13.69
N GLU A 439 -6.53 -2.19 -14.51
CA GLU A 439 -6.98 -1.57 -15.77
C GLU A 439 -7.38 -2.70 -16.70
N LYS A 440 -6.64 -3.80 -16.66
CA LYS A 440 -6.99 -4.93 -17.54
C LYS A 440 -8.34 -5.46 -17.11
N HIS A 441 -8.58 -5.58 -15.82
CA HIS A 441 -9.87 -6.16 -15.37
C HIS A 441 -11.01 -5.27 -15.82
N VAL A 442 -10.86 -3.96 -15.78
CA VAL A 442 -11.98 -3.09 -16.20
C VAL A 442 -12.29 -3.39 -17.66
N LYS A 443 -11.27 -3.48 -18.50
CA LYS A 443 -11.53 -3.76 -19.94
C LYS A 443 -12.19 -5.13 -20.06
N ASP A 444 -11.70 -6.10 -19.33
CA ASP A 444 -12.26 -7.47 -19.41
C ASP A 444 -13.73 -7.44 -19.01
N GLU A 445 -14.10 -6.68 -17.99
CA GLU A 445 -15.51 -6.63 -17.58
C GLU A 445 -16.33 -6.06 -18.72
N GLN A 446 -15.83 -5.01 -19.36
CA GLN A 446 -16.62 -4.37 -20.43
C GLN A 446 -16.87 -5.38 -21.55
N ILE A 447 -15.85 -6.11 -21.91
CA ILE A 447 -16.01 -7.08 -23.02
C ILE A 447 -17.06 -8.11 -22.63
N GLU A 448 -16.98 -8.69 -21.44
CA GLU A 448 -17.94 -9.78 -21.11
C GLU A 448 -19.35 -9.23 -21.06
N HIS A 449 -19.50 -7.94 -20.84
CA HIS A 449 -20.82 -7.32 -20.79
C HIS A 449 -21.41 -7.15 -22.19
N TRP A 450 -20.70 -6.42 -23.05
CA TRP A 450 -21.15 -6.29 -24.44
C TRP A 450 -21.23 -7.63 -25.15
N LYS A 451 -20.37 -8.59 -24.77
CA LYS A 451 -20.44 -9.91 -25.39
C LYS A 451 -21.72 -10.65 -25.05
N LYS A 452 -22.30 -10.39 -23.88
CA LYS A 452 -23.61 -10.99 -23.61
C LYS A 452 -24.74 -10.10 -24.10
N ILE A 453 -24.43 -8.92 -24.64
CA ILE A 453 -25.43 -8.21 -25.44
C ILE A 453 -25.54 -8.84 -26.82
N VAL A 454 -24.40 -9.06 -27.51
CA VAL A 454 -24.47 -9.66 -28.84
C VAL A 454 -25.10 -11.05 -28.77
N LYS A 455 -24.75 -11.86 -27.77
CA LYS A 455 -25.38 -13.18 -27.67
C LYS A 455 -26.90 -13.06 -27.64
N THR A 456 -27.41 -12.07 -26.93
CA THR A 456 -28.85 -11.92 -26.80
C THR A 456 -29.45 -11.11 -27.95
N GLN A 457 -28.71 -10.22 -28.59
CA GLN A 457 -29.20 -9.68 -29.86
C GLN A 457 -28.94 -10.57 -31.05
N GLU A 458 -28.44 -11.77 -30.87
CA GLU A 458 -28.47 -12.70 -31.98
C GLU A 458 -29.58 -13.71 -31.81
N GLU A 459 -29.93 -14.04 -30.56
CA GLU A 459 -31.21 -14.69 -30.29
C GLU A 459 -32.35 -13.87 -30.85
N LEU A 460 -32.31 -12.55 -30.66
CA LEU A 460 -33.32 -11.67 -31.23
C LEU A 460 -33.33 -11.75 -32.75
N LYS A 461 -32.15 -11.70 -33.38
CA LYS A 461 -32.06 -11.81 -34.82
C LYS A 461 -32.74 -13.08 -35.33
N GLU A 462 -32.40 -14.23 -34.76
CA GLU A 462 -33.01 -15.46 -35.23
C GLU A 462 -34.48 -15.55 -34.84
N LEU A 463 -34.90 -14.82 -33.82
CA LEU A 463 -36.32 -14.76 -33.52
C LEU A 463 -37.06 -13.99 -34.58
N LEU A 464 -36.51 -12.85 -35.00
CA LEU A 464 -37.18 -12.06 -36.03
C LEU A 464 -37.27 -12.84 -37.35
N ASN A 465 -36.18 -13.46 -37.78
CA ASN A 465 -36.23 -14.26 -39.00
C ASN A 465 -37.33 -15.32 -38.91
N LYS A 466 -37.43 -16.02 -37.79
CA LYS A 466 -38.50 -17.00 -37.65
C LYS A 466 -39.88 -16.35 -37.70
N MET A 467 -39.97 -15.04 -37.44
CA MET A 467 -41.24 -14.34 -37.42
C MET A 467 -41.59 -13.69 -38.75
N VAL A 468 -40.61 -13.21 -39.53
CA VAL A 468 -40.87 -12.97 -40.95
C VAL A 468 -41.41 -14.21 -41.63
N ASN A 469 -40.65 -15.31 -41.54
CA ASN A 469 -41.02 -16.52 -42.27
C ASN A 469 -42.32 -17.14 -41.76
N LEU A 470 -42.83 -16.66 -40.64
CA LEU A 470 -44.15 -17.10 -40.20
C LEU A 470 -45.22 -16.14 -40.68
N LYS A 471 -44.95 -14.83 -40.61
CA LYS A 471 -45.92 -13.86 -41.10
C LYS A 471 -46.14 -14.00 -42.61
N GLU A 472 -45.25 -14.68 -43.33
CA GLU A 472 -45.49 -14.86 -44.76
C GLU A 472 -46.36 -16.09 -45.01
N LYS A 473 -46.10 -17.20 -44.32
CA LYS A 473 -47.04 -18.32 -44.31
C LYS A 473 -48.45 -17.86 -43.92
N ILE A 474 -48.55 -16.99 -42.94
CA ILE A 474 -49.86 -16.58 -42.46
C ILE A 474 -50.54 -15.68 -43.48
N LYS A 475 -49.80 -14.73 -44.06
CA LYS A 475 -50.37 -13.87 -45.11
C LYS A 475 -50.85 -14.73 -46.29
N GLU A 476 -50.25 -15.90 -46.48
CA GLU A 476 -50.59 -16.79 -47.58
C GLU A 476 -51.74 -17.75 -47.26
N LEU A 477 -51.66 -18.51 -46.15
CA LEU A 477 -52.80 -19.36 -45.78
C LEU A 477 -54.08 -18.56 -45.66
N HIS A 478 -53.99 -17.31 -45.21
CA HIS A 478 -55.18 -16.46 -45.21
C HIS A 478 -55.79 -16.40 -46.60
N GLN A 479 -54.97 -16.04 -47.58
CA GLN A 479 -55.42 -16.01 -48.97
C GLN A 479 -56.06 -17.33 -49.35
N GLN A 480 -55.42 -18.44 -49.02
CA GLN A 480 -56.00 -19.72 -49.37
C GLN A 480 -57.33 -19.93 -48.66
N TYR A 481 -57.43 -19.48 -47.40
CA TYR A 481 -58.67 -19.69 -46.66
C TYR A 481 -59.78 -18.83 -47.22
N LYS A 482 -59.53 -17.55 -47.53
CA LYS A 482 -60.65 -16.76 -48.01
C LYS A 482 -61.08 -17.20 -49.41
N GLU A 483 -60.15 -17.71 -50.25
CA GLU A 483 -60.52 -18.31 -51.51
C GLU A 483 -61.40 -19.54 -51.32
N ALA A 484 -61.07 -20.38 -50.35
CA ALA A 484 -61.89 -21.56 -50.13
C ALA A 484 -63.22 -21.22 -49.51
N SER A 485 -63.35 -20.03 -48.92
CA SER A 485 -64.63 -19.55 -48.42
C SER A 485 -65.47 -18.86 -49.49
N GLU A 486 -64.79 -18.27 -50.47
CA GLU A 486 -65.56 -17.58 -51.53
C GLU A 486 -66.31 -18.65 -52.33
N VAL A 487 -65.96 -19.91 -52.18
CA VAL A 487 -66.77 -20.89 -52.94
C VAL A 487 -68.04 -20.98 -52.14
N LYS A 488 -69.14 -20.47 -52.66
CA LYS A 488 -70.38 -20.43 -51.87
C LYS A 488 -70.96 -21.83 -51.72
N PRO A 489 -71.67 -22.08 -50.61
CA PRO A 489 -72.31 -23.34 -50.36
C PRO A 489 -73.53 -23.47 -51.25
N PRO A 490 -73.97 -24.68 -51.58
CA PRO A 490 -73.68 -25.87 -50.79
C PRO A 490 -72.47 -26.54 -51.41
N ARG A 491 -71.60 -27.13 -50.60
CA ARG A 491 -70.38 -27.70 -51.20
C ARG A 491 -70.21 -29.14 -50.76
N ASP A 492 -69.46 -29.90 -51.54
CA ASP A 492 -69.21 -31.31 -51.19
C ASP A 492 -68.21 -31.36 -50.05
N ILE A 493 -68.22 -32.43 -49.27
CA ILE A 493 -67.37 -32.54 -48.08
C ILE A 493 -65.90 -32.23 -48.33
N THR A 494 -65.35 -32.47 -49.52
CA THR A 494 -63.93 -32.13 -49.63
C THR A 494 -63.74 -30.63 -49.73
N ALA A 495 -64.69 -29.91 -50.33
CA ALA A 495 -64.69 -28.46 -50.27
C ALA A 495 -64.91 -27.95 -48.86
N GLU A 496 -65.77 -28.63 -48.10
CA GLU A 496 -65.98 -28.24 -46.71
C GLU A 496 -64.73 -28.50 -45.88
N PHE A 497 -64.09 -29.61 -46.15
CA PHE A 497 -62.88 -29.97 -45.39
C PHE A 497 -61.82 -28.92 -45.65
N LEU A 498 -61.74 -28.46 -46.88
CA LEU A 498 -60.66 -27.49 -47.17
C LEU A 498 -60.88 -26.23 -46.36
N VAL A 499 -62.10 -25.75 -46.26
CA VAL A 499 -62.26 -24.52 -45.47
C VAL A 499 -61.90 -24.82 -44.03
N LYS A 500 -62.38 -25.92 -43.49
CA LYS A 500 -62.05 -26.21 -42.08
C LYS A 500 -60.57 -26.48 -41.92
N SER A 501 -59.97 -27.22 -42.85
CA SER A 501 -58.53 -27.53 -42.65
C SER A 501 -57.73 -26.24 -42.66
N LYS A 502 -57.96 -25.36 -43.61
CA LYS A 502 -57.17 -24.11 -43.68
C LYS A 502 -57.43 -23.27 -42.44
N HIS A 503 -58.64 -23.24 -41.94
CA HIS A 503 -58.92 -22.48 -40.71
C HIS A 503 -58.12 -23.04 -39.55
N ARG A 504 -58.09 -24.36 -39.42
CA ARG A 504 -57.35 -24.90 -38.27
C ARG A 504 -55.88 -24.55 -38.41
N ASP A 505 -55.33 -24.73 -39.60
CA ASP A 505 -53.91 -24.44 -39.83
C ASP A 505 -53.64 -22.96 -39.59
N LEU A 506 -54.52 -22.10 -40.03
CA LEU A 506 -54.20 -20.69 -39.82
C LEU A 506 -54.19 -20.39 -38.33
N THR A 507 -55.19 -20.82 -37.57
CA THR A 507 -55.15 -20.51 -36.14
C THR A 507 -53.93 -21.13 -35.45
N ALA A 508 -53.47 -22.31 -35.91
CA ALA A 508 -52.24 -22.89 -35.40
C ALA A 508 -51.04 -21.95 -35.64
N LEU A 509 -50.72 -21.68 -36.91
CA LEU A 509 -49.69 -20.70 -37.20
C LEU A 509 -49.93 -19.36 -36.52
N CYS A 510 -51.18 -18.98 -36.27
CA CYS A 510 -51.37 -17.72 -35.56
C CYS A 510 -51.03 -17.84 -34.08
N LYS A 511 -51.09 -19.05 -33.53
CA LYS A 511 -50.72 -19.18 -32.13
C LYS A 511 -49.19 -19.15 -31.98
N GLU A 512 -48.48 -19.84 -32.88
CA GLU A 512 -47.01 -19.78 -32.88
C GLU A 512 -46.51 -18.35 -32.93
N TYR A 513 -47.00 -17.56 -33.89
CA TYR A 513 -46.53 -16.18 -34.02
C TYR A 513 -46.83 -15.36 -32.78
N ASP A 514 -47.87 -15.72 -32.03
CA ASP A 514 -48.11 -14.98 -30.80
C ASP A 514 -47.12 -15.37 -29.71
N GLU A 515 -46.84 -16.66 -29.60
CA GLU A 515 -45.85 -17.13 -28.60
C GLU A 515 -44.52 -16.46 -28.90
N LEU A 516 -44.15 -16.38 -30.17
CA LEU A 516 -42.86 -15.72 -30.52
C LEU A 516 -42.91 -14.25 -30.13
N ALA A 517 -44.04 -13.58 -30.29
CA ALA A 517 -44.10 -12.16 -29.90
C ALA A 517 -43.86 -12.02 -28.40
N GLU A 518 -44.38 -12.94 -27.59
CA GLU A 518 -44.10 -12.85 -26.14
C GLU A 518 -42.59 -12.98 -25.96
N THR A 519 -41.99 -13.96 -26.60
CA THR A 519 -40.53 -14.19 -26.46
C THR A 519 -39.79 -12.97 -26.98
N GLN A 520 -40.23 -12.37 -28.06
CA GLN A 520 -39.50 -11.17 -28.51
C GLN A 520 -39.60 -10.07 -27.45
N GLY A 521 -40.75 -9.89 -26.81
CA GLY A 521 -40.85 -8.81 -25.83
C GLY A 521 -39.88 -9.00 -24.69
N LYS A 522 -39.75 -10.23 -24.20
CA LYS A 522 -38.81 -10.51 -23.10
C LYS A 522 -37.41 -10.10 -23.51
N LEU A 523 -36.89 -10.79 -24.53
CA LEU A 523 -35.53 -10.49 -24.95
C LEU A 523 -35.36 -9.03 -25.31
N GLU A 524 -36.43 -8.37 -25.75
CA GLU A 524 -36.31 -6.96 -26.08
C GLU A 524 -36.16 -6.10 -24.82
N GLU A 525 -36.48 -6.72 -23.68
CA GLU A 525 -36.38 -6.01 -22.38
C GLU A 525 -35.00 -6.26 -21.76
N LYS A 526 -34.44 -7.45 -21.92
CA LYS A 526 -33.09 -7.72 -21.38
C LYS A 526 -32.11 -6.77 -22.04
N LEU A 527 -32.23 -6.51 -23.34
CA LEU A 527 -31.34 -5.54 -24.01
C LEU A 527 -31.50 -4.17 -23.36
N GLN A 528 -32.73 -3.77 -23.01
CA GLN A 528 -32.90 -2.45 -22.37
C GLN A 528 -32.20 -2.44 -21.00
N GLU A 529 -32.36 -3.49 -20.20
CA GLU A 529 -31.71 -3.46 -18.89
C GLU A 529 -30.20 -3.57 -19.04
N LEU A 530 -29.73 -4.45 -19.93
CA LEU A 530 -28.27 -4.64 -20.09
C LEU A 530 -27.67 -3.33 -20.54
N GLU A 531 -28.31 -2.63 -21.47
CA GLU A 531 -27.78 -1.34 -21.94
C GLU A 531 -27.76 -0.34 -20.80
N ALA A 532 -28.77 -0.38 -19.93
CA ALA A 532 -28.90 0.51 -18.76
C ALA A 532 -27.94 0.13 -17.63
N ASN A 533 -27.31 -1.04 -17.66
CA ASN A 533 -26.43 -1.41 -16.52
C ASN A 533 -25.03 -1.72 -17.05
N PRO A 534 -24.30 -0.74 -17.61
CA PRO A 534 -23.01 -0.98 -18.17
C PRO A 534 -22.03 -0.88 -17.01
N PRO A 535 -20.92 -1.64 -17.02
CA PRO A 535 -19.94 -1.60 -15.96
C PRO A 535 -19.03 -0.38 -16.09
N SER A 536 -18.18 -0.17 -15.08
CA SER A 536 -17.32 1.03 -15.03
C SER A 536 -16.49 1.18 -16.29
N ASP A 537 -16.51 2.40 -16.82
CA ASP A 537 -15.83 2.81 -18.06
C ASP A 537 -14.31 2.77 -17.92
N VAL A 538 -13.79 3.23 -16.77
CA VAL A 538 -12.33 3.35 -16.54
C VAL A 538 -11.98 2.88 -15.14
N TYR A 539 -10.71 2.56 -14.92
CA TYR A 539 -10.25 2.23 -13.55
C TYR A 539 -9.95 3.55 -12.87
N LEU A 540 -9.17 4.41 -13.50
CA LEU A 540 -8.92 5.69 -12.83
C LEU A 540 -8.86 6.77 -13.89
N SER A 541 -9.51 7.90 -13.65
CA SER A 541 -9.45 8.98 -14.65
C SER A 541 -8.14 9.71 -14.50
N SER A 542 -7.78 10.52 -15.49
CA SER A 542 -6.52 11.29 -15.43
C SER A 542 -6.51 12.20 -14.20
N ARG A 543 -7.63 12.83 -13.88
CA ARG A 543 -7.71 13.61 -12.64
C ARG A 543 -7.54 12.63 -11.48
N ASP A 544 -8.19 11.48 -11.52
CA ASP A 544 -8.09 10.54 -10.38
C ASP A 544 -6.65 10.08 -10.20
N ARG A 545 -5.96 9.72 -11.28
CA ARG A 545 -4.57 9.22 -11.14
C ARG A 545 -3.68 10.32 -10.55
N GLN A 546 -3.90 11.57 -10.90
CA GLN A 546 -3.14 12.68 -10.32
C GLN A 546 -3.38 12.71 -8.82
N ILE A 547 -4.60 12.47 -8.34
CA ILE A 547 -4.74 12.49 -6.87
C ILE A 547 -3.93 11.30 -6.32
N LEU A 548 -4.13 10.11 -6.87
CA LEU A 548 -3.34 8.95 -6.50
C LEU A 548 -1.85 9.29 -6.47
N ASP A 549 -1.41 10.14 -7.40
CA ASP A 549 -0.01 10.51 -7.43
C ASP A 549 0.42 11.21 -6.17
N TRP A 550 -0.48 11.96 -5.53
CA TRP A 550 -0.10 12.65 -4.32
C TRP A 550 0.05 11.66 -3.17
N HIS A 551 -0.81 10.66 -3.11
CA HIS A 551 -0.64 9.64 -2.09
C HIS A 551 0.65 8.84 -2.29
N PHE A 552 1.16 8.76 -3.52
CA PHE A 552 2.47 8.14 -3.71
C PHE A 552 3.58 9.10 -3.30
N ALA A 553 3.48 10.37 -3.68
CA ALA A 553 4.44 11.37 -3.19
C ALA A 553 4.53 11.34 -1.67
N ASN A 554 3.39 11.25 -0.97
CA ASN A 554 3.45 11.15 0.48
C ASN A 554 4.27 9.95 0.92
N LEU A 555 4.07 8.79 0.28
CA LEU A 555 4.78 7.58 0.63
C LEU A 555 6.25 7.65 0.23
N GLU A 556 6.55 8.45 -0.78
CA GLU A 556 7.94 8.66 -1.14
C GLU A 556 8.61 9.56 -0.11
N PHE A 557 7.85 10.51 0.42
CA PHE A 557 8.34 11.32 1.52
C PHE A 557 8.61 10.47 2.77
N ALA A 558 7.69 9.58 3.12
CA ALA A 558 7.89 8.74 4.30
C ALA A 558 9.20 7.98 4.24
N ASN A 559 9.57 7.49 3.06
CA ASN A 559 10.73 6.65 2.89
C ASN A 559 11.87 7.38 2.21
N ALA A 560 11.72 8.68 2.02
CA ALA A 560 12.75 9.52 1.41
C ALA A 560 13.35 8.91 0.14
N THR A 561 12.51 8.38 -0.73
CA THR A 561 13.06 7.78 -1.95
C THR A 561 11.96 7.43 -2.96
N PRO A 562 12.25 7.52 -4.25
CA PRO A 562 11.36 6.99 -5.28
C PRO A 562 10.94 5.54 -5.05
N LEU A 563 9.64 5.25 -5.22
CA LEU A 563 9.18 3.90 -4.93
C LEU A 563 9.80 2.85 -5.85
N SER A 564 10.52 3.23 -6.88
CA SER A 564 11.20 2.23 -7.70
C SER A 564 12.46 1.70 -7.04
N THR A 565 12.94 2.33 -5.96
CA THR A 565 14.12 1.86 -5.25
C THR A 565 13.77 1.00 -4.03
N LEU A 566 12.56 1.14 -3.46
CA LEU A 566 12.19 0.40 -2.26
C LEU A 566 12.07 -1.09 -2.56
N SER A 567 12.62 -1.91 -1.68
CA SER A 567 12.41 -3.35 -1.75
C SER A 567 10.94 -3.67 -1.54
N LEU A 568 10.32 -4.36 -2.50
CA LEU A 568 8.93 -4.76 -2.32
C LEU A 568 8.78 -5.64 -1.09
N LYS A 569 9.65 -6.66 -0.96
CA LYS A 569 9.48 -7.60 0.14
C LYS A 569 9.62 -6.91 1.50
N HIS A 570 10.62 -6.04 1.65
CA HIS A 570 11.11 -5.64 2.97
C HIS A 570 10.94 -4.17 3.35
N TRP A 571 10.37 -3.32 2.49
CA TRP A 571 10.38 -1.87 2.74
C TRP A 571 9.68 -1.46 4.03
N ASP A 572 8.81 -2.32 4.57
CA ASP A 572 8.00 -1.93 5.72
C ASP A 572 8.32 -2.82 6.91
N GLN A 573 9.50 -3.46 6.89
CA GLN A 573 9.87 -4.45 7.91
C GLN A 573 9.93 -3.87 9.32
N ASP A 574 9.94 -2.55 9.45
CA ASP A 574 9.99 -1.90 10.74
C ASP A 574 8.60 -1.48 11.25
N ASP A 575 7.51 -1.80 10.54
CA ASP A 575 6.19 -1.42 11.05
C ASP A 575 5.79 -2.15 12.32
N ASP A 576 6.40 -3.28 12.66
CA ASP A 576 5.79 -3.99 13.77
C ASP A 576 6.29 -3.46 15.09
N PHE A 577 7.16 -2.45 15.05
CA PHE A 577 7.72 -1.82 16.24
C PHE A 577 7.34 -0.36 16.29
N GLU A 578 6.30 0.02 15.55
CA GLU A 578 5.75 1.36 15.61
C GLU A 578 5.37 1.67 17.06
N PHE A 579 5.53 2.93 17.45
CA PHE A 579 5.12 3.32 18.79
C PHE A 579 3.62 3.66 18.81
N THR A 580 3.00 3.51 19.99
CA THR A 580 1.60 3.87 20.16
C THR A 580 1.46 5.33 20.56
N GLY A 581 0.41 5.98 20.07
CA GLY A 581 0.09 7.34 20.46
C GLY A 581 0.24 8.32 19.31
N SER A 582 -0.23 9.53 19.57
CA SER A 582 -0.22 10.56 18.56
C SER A 582 1.20 10.94 18.24
N HIS A 583 1.48 11.20 16.98
CA HIS A 583 2.72 11.82 16.57
C HIS A 583 2.73 13.28 17.04
N LEU A 584 3.92 13.81 17.30
CA LEU A 584 4.04 15.16 17.86
C LEU A 584 5.15 15.91 17.15
N THR A 585 5.13 17.22 17.30
CA THR A 585 6.21 18.06 16.84
C THR A 585 6.82 18.75 18.04
N VAL A 586 7.95 19.42 17.80
CA VAL A 586 8.74 20.06 18.83
C VAL A 586 8.68 21.55 18.55
N ARG A 587 7.88 22.28 19.32
CA ARG A 587 7.58 23.65 18.93
C ARG A 587 8.73 24.61 19.18
N ASN A 588 9.60 24.31 20.14
CA ASN A 588 10.76 25.15 20.41
C ASN A 588 12.00 24.74 19.62
N GLY A 589 11.85 23.82 18.65
CA GLY A 589 12.97 23.40 17.82
C GLY A 589 13.63 22.13 18.34
N TYR A 590 13.87 21.14 17.49
CA TYR A 590 14.32 19.83 17.96
C TYR A 590 15.80 19.83 18.28
N SER A 591 16.54 20.83 17.77
CA SER A 591 17.92 21.02 18.18
C SER A 591 18.05 21.14 19.69
N CYS A 592 16.98 21.50 20.38
CA CYS A 592 17.06 21.63 21.83
C CYS A 592 17.55 20.34 22.48
N VAL A 593 17.40 19.22 21.80
CA VAL A 593 17.71 17.89 22.36
C VAL A 593 19.20 17.58 22.25
N PRO A 594 19.80 17.53 21.05
CA PRO A 594 21.25 17.34 21.00
C PRO A 594 22.01 18.33 21.85
N VAL A 595 21.66 19.62 21.77
CA VAL A 595 22.37 20.61 22.57
C VAL A 595 22.33 20.20 24.03
N ALA A 596 21.17 19.79 24.51
CA ALA A 596 21.07 19.34 25.90
C ALA A 596 22.04 18.19 26.16
N LEU A 597 22.06 17.19 25.27
CA LEU A 597 22.94 16.05 25.47
C LEU A 597 24.40 16.47 25.43
N ALA A 598 24.74 17.43 24.57
CA ALA A 598 26.13 17.84 24.40
C ALA A 598 26.72 18.47 25.65
N GLU A 599 25.90 18.81 26.64
CA GLU A 599 26.39 19.50 27.83
C GLU A 599 27.35 18.60 28.59
N GLY A 600 28.56 19.10 28.81
CA GLY A 600 29.52 18.39 29.63
C GLY A 600 30.39 17.40 28.88
N LEU A 601 30.56 17.57 27.59
CA LEU A 601 31.29 16.61 26.78
C LEU A 601 32.35 17.30 25.95
N ASP A 602 33.44 16.57 25.71
CA ASP A 602 34.57 17.11 24.94
C ASP A 602 34.25 17.00 23.45
N ILE A 603 33.88 18.10 22.83
CA ILE A 603 33.46 18.07 21.45
C ILE A 603 34.35 19.02 20.64
N LYS A 604 35.12 18.46 19.70
CA LYS A 604 35.91 19.26 18.77
C LYS A 604 35.08 19.55 17.53
N LEU A 605 34.60 20.80 17.38
CA LEU A 605 33.86 21.16 16.16
C LEU A 605 34.82 21.63 15.07
N ASN A 606 34.32 21.68 13.85
CA ASN A 606 35.13 22.04 12.68
C ASN A 606 36.33 21.13 12.51
N THR A 607 36.12 19.85 12.84
CA THR A 607 37.16 18.83 12.85
C THR A 607 36.65 17.72 11.94
N ALA A 608 37.17 17.65 10.73
CA ALA A 608 36.69 16.67 9.76
C ALA A 608 37.59 15.45 9.83
N VAL A 609 37.07 14.35 10.38
CA VAL A 609 37.80 13.10 10.32
C VAL A 609 38.05 12.75 8.87
N ARG A 610 39.25 12.27 8.61
CA ARG A 610 39.66 12.10 7.23
C ARG A 610 40.34 10.77 6.99
N GLN A 611 40.94 10.16 8.02
CA GLN A 611 41.42 8.79 7.99
C GLN A 611 41.20 8.12 9.34
N VAL A 612 40.89 6.82 9.32
CA VAL A 612 40.73 6.01 10.54
C VAL A 612 41.68 4.82 10.48
N ARG A 613 42.63 4.78 11.44
CA ARG A 613 43.64 3.72 11.54
C ARG A 613 43.37 2.89 12.79
N TYR A 614 43.21 1.59 12.61
CA TYR A 614 42.92 0.70 13.73
C TYR A 614 43.82 -0.53 13.62
N THR A 615 44.45 -0.91 14.74
CA THR A 615 45.40 -2.01 14.74
C THR A 615 45.23 -2.80 16.02
N ALA A 616 45.99 -3.90 16.11
CA ALA A 616 45.87 -4.79 17.26
C ALA A 616 46.17 -4.09 18.58
N SER A 617 46.85 -2.96 18.54
CA SER A 617 47.27 -2.33 19.79
C SER A 617 46.55 -1.01 20.06
N GLY A 618 45.79 -0.51 19.10
CA GLY A 618 44.98 0.67 19.33
C GLY A 618 44.64 1.37 18.02
N CYS A 619 44.26 2.64 18.15
CA CYS A 619 43.68 3.37 17.02
C CYS A 619 44.24 4.76 16.98
N GLU A 620 44.41 5.26 15.77
CA GLU A 620 44.62 6.68 15.55
C GLU A 620 43.65 7.20 14.49
N VAL A 621 42.99 8.31 14.83
CA VAL A 621 42.07 9.02 13.95
C VAL A 621 42.77 10.28 13.49
N ILE A 622 42.84 10.50 12.18
CA ILE A 622 43.47 11.68 11.59
C ILE A 622 42.38 12.60 11.07
N ALA A 623 42.30 13.81 11.63
CA ALA A 623 41.32 14.81 11.17
C ALA A 623 42.01 16.13 10.84
N VAL A 624 41.29 17.00 10.12
CA VAL A 624 41.78 18.34 9.77
C VAL A 624 40.75 19.39 10.17
N ASN A 625 41.20 20.63 10.24
CA ASN A 625 40.32 21.77 10.50
C ASN A 625 39.53 22.15 9.23
N THR A 626 38.21 22.27 9.36
CA THR A 626 37.40 22.56 8.18
C THR A 626 37.66 23.96 7.62
N ARG A 627 38.15 24.87 8.46
CA ARG A 627 38.39 26.23 8.01
C ARG A 627 39.71 26.34 7.23
N SER A 628 40.84 25.97 7.84
CA SER A 628 42.10 25.82 7.10
C SER A 628 42.46 24.34 7.07
N THR A 629 42.24 23.70 5.92
CA THR A 629 42.39 22.24 5.84
C THR A 629 43.84 21.77 5.96
N SER A 630 44.81 22.68 5.99
CA SER A 630 46.20 22.25 6.13
C SER A 630 46.48 21.78 7.55
N GLN A 631 46.00 22.53 8.53
CA GLN A 631 46.18 22.21 9.95
C GLN A 631 45.59 20.84 10.30
N THR A 632 46.41 19.96 10.86
CA THR A 632 46.15 18.52 10.89
C THR A 632 46.18 18.00 12.33
N PHE A 633 45.31 17.04 12.64
CA PHE A 633 45.20 16.54 14.01
C PHE A 633 45.33 15.02 14.08
N ILE A 634 45.91 14.58 15.18
CA ILE A 634 46.10 13.18 15.49
C ILE A 634 45.45 12.88 16.83
N TYR A 635 44.55 11.90 16.84
CA TYR A 635 43.94 11.41 18.07
C TYR A 635 44.23 9.92 18.17
N LYS A 636 44.60 9.49 19.36
CA LYS A 636 44.94 8.10 19.58
C LYS A 636 44.02 7.55 20.66
N CYS A 637 43.61 6.30 20.50
CA CYS A 637 42.57 5.79 21.38
C CYS A 637 42.55 4.28 21.34
N ASP A 638 41.90 3.72 22.38
CA ASP A 638 41.68 2.27 22.43
C ASP A 638 40.62 1.81 21.43
N ALA A 639 39.68 2.68 21.07
CA ALA A 639 38.52 2.30 20.25
C ALA A 639 37.93 3.53 19.57
N VAL A 640 37.49 3.33 18.33
CA VAL A 640 36.74 4.35 17.58
C VAL A 640 35.28 3.93 17.44
N LEU A 641 34.36 4.87 17.71
CA LEU A 641 32.95 4.67 17.48
C LEU A 641 32.55 5.55 16.29
N CYS A 642 32.33 4.93 15.14
CA CYS A 642 31.96 5.61 13.92
C CYS A 642 30.44 5.83 13.89
N THR A 643 30.00 7.09 13.77
CA THR A 643 28.59 7.35 13.49
C THR A 643 28.46 8.20 12.23
N LEU A 644 29.37 8.00 11.30
CA LEU A 644 29.28 8.65 10.01
C LEU A 644 27.97 8.24 9.34
N PRO A 645 27.22 9.18 8.79
CA PRO A 645 26.01 8.82 8.06
C PRO A 645 26.31 7.88 6.91
N LEU A 646 25.35 6.97 6.65
CA LEU A 646 25.50 5.97 5.59
C LEU A 646 25.87 6.62 4.28
N GLY A 647 25.31 7.81 4.02
CA GLY A 647 25.65 8.53 2.80
C GLY A 647 27.12 8.89 2.72
N VAL A 648 27.71 9.26 3.87
CA VAL A 648 29.15 9.54 3.90
C VAL A 648 29.94 8.27 3.64
N LEU A 649 29.58 7.17 4.31
CA LEU A 649 30.27 5.90 4.09
C LEU A 649 30.13 5.43 2.65
N LYS A 650 29.11 5.92 1.93
CA LYS A 650 28.85 5.47 0.59
C LYS A 650 29.68 6.22 -0.44
N GLN A 651 30.22 7.37 -0.03
CA GLN A 651 30.87 8.31 -0.93
C GLN A 651 32.04 7.67 -1.68
N GLN A 652 32.05 7.81 -3.00
CA GLN A 652 33.19 7.41 -3.84
C GLN A 652 33.58 8.59 -4.72
N PRO A 653 34.84 9.07 -4.65
CA PRO A 653 35.92 8.47 -3.85
C PRO A 653 35.73 8.80 -2.37
N PRO A 654 36.31 7.99 -1.50
CA PRO A 654 36.03 8.09 -0.06
C PRO A 654 36.30 9.47 0.51
N ALA A 655 35.39 9.95 1.36
CA ALA A 655 35.68 11.12 2.17
C ALA A 655 36.44 10.77 3.42
N VAL A 656 36.40 9.49 3.83
CA VAL A 656 37.11 8.98 4.99
C VAL A 656 37.73 7.66 4.63
N GLN A 657 39.01 7.46 4.97
CA GLN A 657 39.72 6.31 4.44
C GLN A 657 39.88 5.37 5.63
N PHE A 658 39.63 4.08 5.43
CA PHE A 658 39.82 3.15 6.54
C PHE A 658 41.13 2.38 6.38
N VAL A 659 41.92 2.34 7.44
CA VAL A 659 43.23 1.69 7.39
C VAL A 659 43.33 0.69 8.53
N PRO A 660 43.25 -0.61 8.23
CA PRO A 660 43.07 -1.20 6.89
C PRO A 660 41.64 -1.05 6.36
N PRO A 661 41.46 -1.31 5.06
CA PRO A 661 40.12 -1.16 4.48
C PRO A 661 39.11 -2.03 5.19
N LEU A 662 37.89 -1.51 5.31
CA LEU A 662 36.75 -2.28 5.80
C LEU A 662 36.63 -3.60 5.03
N PRO A 663 36.28 -4.70 5.70
CA PRO A 663 36.08 -5.96 4.98
C PRO A 663 34.95 -5.87 3.97
N GLU A 664 35.03 -6.77 2.98
CA GLU A 664 34.02 -6.89 1.93
C GLU A 664 32.61 -6.96 2.52
N TRP A 665 32.41 -7.74 3.59
CA TRP A 665 31.05 -7.88 4.08
C TRP A 665 30.52 -6.57 4.62
N LYS A 666 31.38 -5.72 5.13
CA LYS A 666 30.86 -4.42 5.55
C LYS A 666 30.62 -3.52 4.33
N THR A 667 31.60 -3.41 3.43
CA THR A 667 31.44 -2.48 2.31
C THR A 667 30.25 -2.85 1.44
N SER A 668 29.97 -4.16 1.34
CA SER A 668 28.86 -4.62 0.48
C SER A 668 27.52 -4.28 1.09
N ALA A 669 27.37 -4.45 2.40
CA ALA A 669 26.21 -3.89 3.06
C ALA A 669 26.07 -2.40 2.75
N VAL A 670 27.18 -1.66 2.77
CA VAL A 670 27.11 -0.23 2.51
C VAL A 670 26.57 0.05 1.10
N GLN A 671 27.03 -0.70 0.10
CA GLN A 671 26.49 -0.44 -1.24
C GLN A 671 25.04 -0.88 -1.37
N ARG A 672 24.67 -1.99 -0.76
CA ARG A 672 23.31 -2.51 -0.90
C ARG A 672 22.29 -1.58 -0.27
N MET A 673 22.61 -0.99 0.88
CA MET A 673 21.60 -0.21 1.57
C MET A 673 21.23 1.02 0.75
N GLY A 674 20.02 1.52 0.98
CA GLY A 674 19.55 2.72 0.34
C GLY A 674 19.77 3.90 1.26
N PHE A 675 20.17 5.02 0.69
CA PHE A 675 20.26 6.29 1.45
C PHE A 675 19.48 7.31 0.66
N GLY A 676 18.32 7.67 1.17
CA GLY A 676 17.36 8.53 0.48
C GLY A 676 17.59 10.01 0.63
N ASN A 677 16.70 10.77 0.01
CA ASN A 677 16.75 12.24 0.01
C ASN A 677 15.36 12.81 0.24
N LEU A 678 15.31 13.92 0.95
CA LEU A 678 14.06 14.63 1.29
C LEU A 678 14.47 16.07 1.50
N ASN A 679 13.68 17.05 1.09
CA ASN A 679 14.19 18.43 1.33
C ASN A 679 13.07 19.30 1.87
N LYS A 680 13.39 20.35 2.62
CA LYS A 680 12.29 21.19 3.14
C LYS A 680 12.52 22.64 2.75
N VAL A 681 11.45 23.37 2.49
CA VAL A 681 11.51 24.81 2.23
C VAL A 681 10.78 25.52 3.36
N VAL A 682 11.46 26.44 4.04
CA VAL A 682 10.87 27.19 5.13
C VAL A 682 10.46 28.56 4.61
N LEU A 683 9.19 28.92 4.84
CA LEU A 683 8.60 30.18 4.40
C LEU A 683 8.08 30.94 5.62
N CYS A 684 8.66 32.12 5.86
CA CYS A 684 8.37 32.94 7.02
C CYS A 684 7.45 34.08 6.64
N PHE A 685 6.39 34.24 7.41
CA PHE A 685 5.41 35.28 7.16
C PHE A 685 5.18 36.09 8.44
N ASP A 686 4.56 37.26 8.25
CA ASP A 686 4.04 38.13 9.29
C ASP A 686 2.64 37.72 9.76
N ARG A 687 1.80 37.27 8.82
CA ARG A 687 0.42 36.99 9.14
C ARG A 687 0.03 35.61 8.64
N VAL A 688 -0.48 34.80 9.56
CA VAL A 688 -1.25 33.62 9.19
C VAL A 688 -2.27 34.03 8.14
N PHE A 689 -2.18 33.42 6.96
CA PHE A 689 -3.12 33.68 5.87
C PHE A 689 -3.64 32.36 5.34
N TRP A 690 -3.78 31.40 6.26
CA TRP A 690 -4.15 30.02 5.97
C TRP A 690 -5.09 29.59 7.09
N ASP A 691 -5.60 28.38 6.97
CA ASP A 691 -6.49 27.92 8.03
C ASP A 691 -5.65 27.45 9.21
N PRO A 692 -5.70 28.16 10.35
CA PRO A 692 -4.82 27.82 11.47
C PRO A 692 -5.21 26.56 12.20
N SER A 693 -6.44 26.08 12.07
CA SER A 693 -6.77 24.77 12.62
C SER A 693 -6.39 23.63 11.67
N VAL A 694 -5.88 23.98 10.49
CA VAL A 694 -5.25 23.02 9.59
C VAL A 694 -3.73 23.07 9.84
N ASN A 695 -3.19 21.96 10.37
CA ASN A 695 -1.75 21.86 10.53
C ASN A 695 -1.06 21.69 9.17
N LEU A 696 -1.60 20.81 8.33
CA LEU A 696 -0.98 20.47 7.06
C LEU A 696 -2.01 20.38 5.96
N PHE A 697 -1.61 20.75 4.74
CA PHE A 697 -2.48 20.68 3.58
C PHE A 697 -1.65 20.37 2.34
N GLY A 698 -2.25 19.62 1.41
CA GLY A 698 -1.54 19.15 0.24
C GLY A 698 -1.77 20.00 -1.00
N HIS A 699 -0.87 19.83 -1.97
CA HIS A 699 -1.01 20.38 -3.31
C HIS A 699 -0.79 19.23 -4.28
N VAL A 700 -1.72 19.05 -5.21
CA VAL A 700 -1.64 17.94 -6.15
C VAL A 700 -0.86 18.38 -7.37
N GLY A 701 0.11 17.58 -7.77
CA GLY A 701 0.96 17.94 -8.87
C GLY A 701 0.28 17.68 -10.20
N SER A 702 0.87 18.27 -11.25
CA SER A 702 0.39 18.08 -12.61
C SER A 702 0.80 16.75 -13.21
N THR A 703 1.96 16.22 -12.84
CA THR A 703 2.50 15.04 -13.50
C THR A 703 2.85 13.98 -12.47
N THR A 704 2.93 12.73 -12.96
CA THR A 704 3.62 11.70 -12.21
C THR A 704 5.04 12.12 -11.90
N ALA A 705 5.76 12.60 -12.92
CA ALA A 705 7.16 12.98 -12.74
C ALA A 705 7.33 13.97 -11.61
N SER A 706 6.55 15.06 -11.62
CA SER A 706 6.71 16.08 -10.57
C SER A 706 5.78 15.85 -9.38
N ARG A 707 5.48 14.61 -9.07
CA ARG A 707 4.49 14.40 -8.00
C ARG A 707 5.00 14.87 -6.65
N GLY A 708 6.29 14.89 -6.44
CA GLY A 708 6.75 15.29 -5.10
C GLY A 708 7.18 16.73 -5.02
N GLU A 709 7.03 17.48 -6.09
CA GLU A 709 7.53 18.87 -6.01
C GLU A 709 6.57 19.71 -5.20
N LEU A 710 6.99 20.11 -4.01
CA LEU A 710 6.21 20.97 -3.12
C LEU A 710 4.81 20.41 -2.95
N PHE A 711 4.68 19.14 -2.64
CA PHE A 711 3.35 18.51 -2.55
C PHE A 711 2.72 18.57 -1.16
N LEU A 712 3.37 19.16 -0.17
CA LEU A 712 2.72 19.15 1.16
C LEU A 712 3.23 20.36 1.95
N PHE A 713 2.38 20.96 2.76
CA PHE A 713 2.69 22.18 3.49
C PHE A 713 2.34 22.00 4.96
N TRP A 714 3.21 22.55 5.81
CA TRP A 714 3.18 22.44 7.27
C TRP A 714 3.14 23.81 7.93
N ASN A 715 2.10 24.01 8.73
CA ASN A 715 2.04 24.93 9.87
C ASN A 715 1.78 24.11 11.13
N LEU A 716 2.83 24.01 11.92
CA LEU A 716 2.86 23.30 13.21
C LEU A 716 3.26 24.32 14.27
N TYR A 717 4.07 25.29 13.84
CA TYR A 717 4.57 26.36 14.73
C TYR A 717 3.48 27.39 14.98
N LYS A 718 3.54 28.00 16.16
CA LYS A 718 2.59 29.04 16.61
C LYS A 718 2.68 30.26 15.69
N ALA A 719 3.91 30.59 15.29
CA ALA A 719 4.23 31.78 14.47
C ALA A 719 3.84 31.57 13.00
N PRO A 720 3.96 32.59 12.16
CA PRO A 720 3.55 32.51 10.78
C PRO A 720 4.67 31.84 9.99
N ILE A 721 4.71 30.52 10.07
CA ILE A 721 5.75 29.77 9.34
C ILE A 721 5.11 28.58 8.64
N LEU A 722 5.07 28.66 7.33
CA LEU A 722 4.70 27.56 6.46
C LEU A 722 5.94 26.88 5.90
N LEU A 723 5.90 25.55 5.87
CA LEU A 723 7.04 24.69 5.60
C LEU A 723 6.62 23.68 4.54
N ALA A 724 7.36 23.63 3.43
CA ALA A 724 6.95 22.91 2.22
C ALA A 724 7.92 21.78 1.86
N LEU A 725 7.39 20.58 1.57
CA LEU A 725 8.20 19.40 1.33
C LEU A 725 8.50 19.14 -0.13
N VAL A 726 9.62 18.48 -0.39
CA VAL A 726 10.03 18.07 -1.73
C VAL A 726 10.51 16.63 -1.66
N ALA A 727 9.68 15.69 -2.14
CA ALA A 727 9.95 14.26 -2.00
C ALA A 727 10.30 13.62 -3.34
N GLY A 728 10.46 12.30 -3.31
CA GLY A 728 10.60 11.43 -4.46
C GLY A 728 11.64 11.93 -5.43
N GLU A 729 11.43 11.67 -6.73
CA GLU A 729 12.42 12.07 -7.71
C GLU A 729 12.60 13.59 -7.74
N ALA A 730 11.64 14.34 -7.21
CA ALA A 730 11.75 15.80 -7.24
C ALA A 730 12.91 16.27 -6.35
N ALA A 731 13.11 15.61 -5.20
CA ALA A 731 14.11 16.05 -4.24
C ALA A 731 15.47 16.21 -4.89
N GLY A 732 15.95 15.15 -5.54
CA GLY A 732 17.26 15.19 -6.16
C GLY A 732 17.40 16.29 -7.18
N ILE A 733 16.32 16.65 -7.87
CA ILE A 733 16.38 17.61 -8.97
C ILE A 733 16.21 19.05 -8.49
N MET A 734 15.36 19.30 -7.50
CA MET A 734 15.23 20.66 -6.99
C MET A 734 16.51 21.17 -6.37
N GLU A 735 17.48 20.31 -6.06
CA GLU A 735 18.71 20.80 -5.42
C GLU A 735 19.57 21.60 -6.40
N ASN A 736 19.42 21.37 -7.71
CA ASN A 736 20.05 22.14 -8.78
C ASN A 736 19.25 23.34 -9.23
N ILE A 737 18.37 23.86 -8.40
CA ILE A 737 17.56 25.01 -8.74
C ILE A 737 17.78 26.04 -7.63
N SER A 738 17.82 27.30 -8.00
CA SER A 738 18.09 28.39 -7.03
C SER A 738 16.96 28.52 -6.01
N ASP A 739 17.26 29.09 -4.86
CA ASP A 739 16.23 29.26 -3.82
C ASP A 739 15.12 30.19 -4.32
N ASP A 740 15.50 31.24 -5.03
CA ASP A 740 14.49 32.21 -5.53
C ASP A 740 13.53 31.48 -6.47
N VAL A 741 14.03 30.63 -7.34
CA VAL A 741 13.05 29.93 -8.20
C VAL A 741 12.19 29.04 -7.32
N ILE A 742 12.80 28.33 -6.38
CA ILE A 742 12.04 27.39 -5.52
C ILE A 742 11.05 28.18 -4.70
N VAL A 743 11.45 29.32 -4.17
CA VAL A 743 10.45 30.08 -3.38
C VAL A 743 9.34 30.58 -4.31
N GLY A 744 9.74 30.92 -5.54
CA GLY A 744 8.76 31.37 -6.54
C GLY A 744 7.67 30.34 -6.72
N ARG A 745 8.06 29.10 -6.98
CA ARG A 745 7.06 28.06 -7.23
C ARG A 745 6.15 27.87 -6.03
N CYS A 746 6.66 27.95 -4.81
CA CYS A 746 5.77 27.80 -3.63
C CYS A 746 4.81 28.97 -3.58
N LEU A 747 5.29 30.17 -3.90
CA LEU A 747 4.37 31.32 -3.84
C LEU A 747 3.26 31.11 -4.85
N ALA A 748 3.61 30.67 -6.04
CA ALA A 748 2.60 30.41 -7.07
C ALA A 748 1.63 29.36 -6.56
N ILE A 749 2.13 28.28 -5.98
CA ILE A 749 1.20 27.23 -5.51
C ILE A 749 0.32 27.82 -4.42
N LEU A 750 0.93 28.56 -3.52
CA LEU A 750 0.16 29.17 -2.41
C LEU A 750 -0.84 30.17 -2.99
N LYS A 751 -0.40 30.94 -3.99
CA LYS A 751 -1.33 31.95 -4.55
C LYS A 751 -2.56 31.23 -5.09
N GLY A 752 -2.40 30.15 -5.83
CA GLY A 752 -3.61 29.49 -6.35
C GLY A 752 -4.50 29.00 -5.22
N ILE A 753 -3.96 28.36 -4.21
CA ILE A 753 -4.88 27.87 -3.14
C ILE A 753 -5.49 29.02 -2.36
N PHE A 754 -4.81 30.15 -2.21
CA PHE A 754 -5.39 31.18 -1.29
C PHE A 754 -5.76 32.50 -1.98
N GLY A 755 -5.47 32.63 -3.26
CA GLY A 755 -5.76 33.89 -3.96
C GLY A 755 -4.48 34.67 -4.13
N SER A 756 -4.35 35.43 -5.21
CA SER A 756 -3.09 36.17 -5.52
C SER A 756 -2.84 37.37 -4.60
N SER A 757 -3.79 37.68 -3.74
CA SER A 757 -3.63 38.89 -2.91
C SER A 757 -3.21 38.52 -1.49
N ALA A 758 -3.65 37.36 -1.00
CA ALA A 758 -3.34 36.99 0.40
C ALA A 758 -1.88 36.55 0.61
N VAL A 759 -1.09 36.31 -0.43
CA VAL A 759 0.30 35.81 -0.24
C VAL A 759 1.33 36.94 -0.28
N PRO A 760 1.89 37.36 0.88
CA PRO A 760 2.87 38.41 0.93
C PRO A 760 4.25 37.85 0.61
N GLN A 761 5.20 38.67 0.20
CA GLN A 761 6.54 38.10 0.00
C GLN A 761 7.05 37.63 1.35
N PRO A 762 7.66 36.45 1.47
CA PRO A 762 8.15 35.95 2.74
C PRO A 762 9.39 36.73 3.16
N LYS A 763 9.60 36.89 4.46
CA LYS A 763 10.78 37.64 4.94
C LYS A 763 12.05 36.78 4.83
N GLU A 764 12.11 35.68 5.59
CA GLU A 764 13.25 34.77 5.63
C GLU A 764 12.85 33.50 4.89
N THR A 765 13.76 33.03 4.03
CA THR A 765 13.59 31.79 3.28
C THR A 765 14.86 30.97 3.41
N VAL A 766 14.69 29.67 3.70
CA VAL A 766 15.77 28.70 3.81
C VAL A 766 15.35 27.48 2.99
N VAL A 767 16.28 26.89 2.25
CA VAL A 767 16.00 25.70 1.45
C VAL A 767 17.05 24.64 1.72
N SER A 768 16.64 23.52 2.31
CA SER A 768 17.59 22.45 2.57
C SER A 768 18.04 21.79 1.26
N ARG A 769 19.27 21.26 1.26
CA ARG A 769 19.80 20.50 0.11
C ARG A 769 20.66 19.34 0.67
N TRP A 770 19.96 18.36 1.27
CA TRP A 770 20.60 17.34 2.09
C TRP A 770 21.50 16.43 1.27
N ARG A 771 21.11 16.09 0.04
CA ARG A 771 22.03 15.27 -0.76
C ARG A 771 23.33 16.02 -1.03
N ALA A 772 23.28 17.32 -1.10
CA ALA A 772 24.52 18.05 -1.45
C ALA A 772 25.38 18.25 -0.21
N ASP A 773 24.77 18.19 0.96
CA ASP A 773 25.58 18.41 2.17
C ASP A 773 26.61 17.31 2.24
N PRO A 774 27.91 17.61 2.41
CA PRO A 774 28.91 16.59 2.44
C PRO A 774 29.03 15.87 3.78
N TRP A 775 28.35 16.36 4.80
CA TRP A 775 28.39 15.71 6.13
C TRP A 775 27.17 14.81 6.28
N ALA A 776 26.40 14.65 5.22
CA ALA A 776 25.21 13.79 5.21
C ALA A 776 25.14 13.00 3.91
N ARG A 777 25.15 13.71 2.79
CA ARG A 777 25.04 13.15 1.42
C ARG A 777 23.73 12.38 1.26
N GLY A 778 22.67 12.89 1.87
CA GLY A 778 21.36 12.28 1.87
C GLY A 778 20.65 12.63 3.17
N SER A 779 19.43 12.10 3.31
CA SER A 779 18.60 12.38 4.47
C SER A 779 18.53 11.20 5.44
N TYR A 780 18.17 10.00 4.98
CA TYR A 780 18.20 8.84 5.87
C TYR A 780 18.03 7.55 5.09
N SER A 781 18.23 6.44 5.78
CA SER A 781 18.35 5.17 5.11
C SER A 781 16.97 4.63 4.73
N TYR A 782 16.97 3.67 3.82
CA TYR A 782 15.75 3.04 3.33
C TYR A 782 16.14 1.66 2.86
N VAL A 783 15.17 0.74 2.88
CA VAL A 783 15.51 -0.65 2.57
C VAL A 783 15.46 -0.77 1.07
N ALA A 784 16.62 -0.64 0.43
CA ALA A 784 16.69 -0.69 -1.02
C ALA A 784 16.25 -2.07 -1.51
N ALA A 785 15.71 -2.08 -2.73
CA ALA A 785 15.49 -3.35 -3.40
C ALA A 785 16.82 -4.09 -3.51
N GLY A 786 16.82 -5.36 -3.13
CA GLY A 786 18.05 -6.11 -2.99
C GLY A 786 18.67 -6.05 -1.60
N SER A 787 18.24 -5.12 -0.76
CA SER A 787 18.68 -5.10 0.61
C SER A 787 17.66 -5.85 1.45
N SER A 788 17.90 -5.88 2.76
CA SER A 788 16.99 -6.48 3.70
C SER A 788 17.33 -5.91 5.06
N GLY A 789 16.58 -6.31 6.06
CA GLY A 789 16.92 -5.86 7.38
C GLY A 789 18.21 -6.44 7.92
N ASN A 790 18.69 -7.56 7.34
CA ASN A 790 19.94 -8.13 7.84
C ASN A 790 21.13 -7.20 7.58
N ASP A 791 21.07 -6.39 6.51
CA ASP A 791 22.13 -5.43 6.23
C ASP A 791 22.25 -4.39 7.32
N TYR A 792 21.13 -4.00 7.94
CA TYR A 792 21.23 -3.09 9.06
C TYR A 792 22.02 -3.72 10.20
N ASP A 793 21.92 -5.04 10.37
CA ASP A 793 22.70 -5.71 11.41
C ASP A 793 24.18 -5.78 11.07
N LEU A 794 24.50 -6.31 9.88
CA LEU A 794 25.84 -6.16 9.32
C LEU A 794 26.44 -4.79 9.62
N MET A 795 25.71 -3.70 9.32
CA MET A 795 26.29 -2.39 9.61
C MET A 795 26.65 -2.23 11.06
N ALA A 796 25.93 -2.91 11.96
CA ALA A 796 26.20 -2.70 13.38
C ALA A 796 27.39 -3.53 13.90
N GLN A 797 27.95 -4.45 13.10
CA GLN A 797 29.02 -5.33 13.60
C GLN A 797 30.30 -4.54 13.81
N PRO A 798 31.00 -4.71 14.93
CA PRO A 798 32.31 -4.06 15.08
C PRO A 798 33.35 -4.73 14.21
N ILE A 799 34.45 -4.04 13.98
CA ILE A 799 35.55 -4.59 13.16
C ILE A 799 36.73 -4.92 14.05
N THR A 800 37.29 -6.11 13.88
CA THR A 800 38.44 -6.51 14.70
C THR A 800 39.64 -6.59 13.78
N PRO A 801 40.72 -5.86 14.06
CA PRO A 801 41.89 -5.84 13.22
C PRO A 801 42.73 -7.12 13.32
N GLY A 802 43.64 -7.32 12.39
CA GLY A 802 44.50 -8.51 12.44
C GLY A 802 45.57 -8.41 13.51
N PRO A 803 46.23 -9.51 13.87
CA PRO A 803 47.24 -9.44 14.90
C PRO A 803 48.45 -8.67 14.36
N SER A 804 49.09 -7.86 15.21
CA SER A 804 50.26 -7.07 14.77
C SER A 804 51.41 -8.01 14.44
N ILE A 805 51.62 -8.99 15.30
CA ILE A 805 52.72 -9.98 15.10
C ILE A 805 52.04 -11.26 14.67
N PRO A 806 52.42 -11.94 13.58
CA PRO A 806 51.73 -13.15 13.19
C PRO A 806 51.88 -14.18 14.30
N GLY A 807 50.79 -14.88 14.60
CA GLY A 807 50.79 -15.89 15.68
C GLY A 807 50.48 -15.29 17.02
N ALA A 808 50.16 -14.00 17.06
CA ALA A 808 49.77 -13.42 18.35
C ALA A 808 48.31 -13.77 18.57
N PRO A 809 47.81 -13.75 19.81
CA PRO A 809 46.45 -14.12 20.08
C PRO A 809 45.48 -13.14 19.42
N GLN A 810 44.30 -13.64 19.06
CA GLN A 810 43.29 -12.80 18.37
C GLN A 810 42.95 -11.59 19.21
N PRO A 811 42.99 -10.39 18.62
CA PRO A 811 42.71 -9.18 19.35
C PRO A 811 41.24 -8.81 19.52
N ILE A 812 41.04 -7.78 20.32
CA ILE A 812 39.78 -7.10 20.69
C ILE A 812 39.25 -6.34 19.50
N PRO A 813 37.95 -6.10 19.38
CA PRO A 813 37.43 -5.29 18.30
C PRO A 813 37.79 -3.84 18.62
N ARG A 814 38.16 -3.05 17.63
CA ARG A 814 38.58 -1.65 17.91
C ARG A 814 37.68 -0.63 17.22
N LEU A 815 36.98 -1.03 16.16
CA LEU A 815 36.14 -0.12 15.36
C LEU A 815 34.66 -0.49 15.51
N PHE A 816 33.87 0.42 16.06
CA PHE A 816 32.44 0.23 16.37
C PHE A 816 31.58 1.24 15.60
N PHE A 817 30.33 0.86 15.28
CA PHE A 817 29.46 1.67 14.44
C PHE A 817 28.10 1.91 15.08
N ALA A 818 27.60 3.14 14.96
CA ALA A 818 26.28 3.46 15.44
C ALA A 818 25.66 4.46 14.47
N GLY A 819 24.44 4.86 14.75
CA GLY A 819 23.71 5.72 13.83
C GLY A 819 22.47 5.03 13.26
N GLU A 820 21.58 5.86 12.68
CA GLU A 820 20.27 5.38 12.24
C GLU A 820 20.39 4.25 11.23
N HIS A 821 21.41 4.27 10.40
CA HIS A 821 21.54 3.13 9.49
C HIS A 821 22.01 1.86 10.20
N THR A 822 22.10 1.76 11.54
CA THR A 822 22.63 0.56 12.18
C THR A 822 21.63 -0.16 13.08
N ILE A 823 20.37 0.28 13.15
CA ILE A 823 19.41 -0.28 14.09
C ILE A 823 18.21 -0.78 13.27
N ARG A 824 18.26 -2.07 12.95
CA ARG A 824 17.27 -2.76 12.14
C ARG A 824 15.82 -2.45 12.51
N ASN A 825 15.47 -2.52 13.78
CA ASN A 825 14.07 -2.31 14.14
C ASN A 825 13.63 -0.85 14.23
N TYR A 826 14.56 0.12 14.15
CA TYR A 826 14.12 1.52 14.23
C TYR A 826 14.93 2.42 13.31
N PRO A 827 15.13 2.05 12.03
CA PRO A 827 16.00 2.87 11.19
C PRO A 827 15.36 4.21 10.89
N ALA A 828 16.21 5.12 10.41
CA ALA A 828 15.84 6.42 9.89
C ALA A 828 14.93 7.21 10.84
N THR A 829 15.22 7.15 12.13
CA THR A 829 14.52 7.97 13.11
C THR A 829 15.51 8.47 14.15
N VAL A 830 15.10 9.48 14.91
CA VAL A 830 15.96 9.94 16.00
C VAL A 830 16.03 8.91 17.11
N HIS A 831 14.87 8.39 17.56
CA HIS A 831 14.93 7.39 18.61
C HIS A 831 15.81 6.22 18.20
N GLY A 832 15.85 5.90 16.91
CA GLY A 832 16.70 4.79 16.48
C GLY A 832 18.17 5.12 16.63
N ALA A 833 18.57 6.31 16.16
CA ALA A 833 19.95 6.72 16.33
C ALA A 833 20.33 6.67 17.80
N LEU A 834 19.50 7.26 18.65
CA LEU A 834 19.75 7.26 20.08
C LEU A 834 19.90 5.85 20.62
N LEU A 835 18.96 4.98 20.30
CA LEU A 835 19.12 3.63 20.81
C LEU A 835 20.44 3.02 20.33
N SER A 836 20.88 3.36 19.11
CA SER A 836 22.09 2.71 18.62
C SER A 836 23.31 3.22 19.37
N GLY A 837 23.34 4.51 19.69
CA GLY A 837 24.37 5.03 20.58
C GLY A 837 24.39 4.29 21.90
N LEU A 838 23.22 4.15 22.54
CA LEU A 838 23.16 3.44 23.81
C LEU A 838 23.71 2.03 23.67
N ARG A 839 23.40 1.38 22.54
CA ARG A 839 23.82 0.01 22.32
C ARG A 839 25.34 -0.10 22.30
N GLU A 840 26.01 0.69 21.46
CA GLU A 840 27.45 0.55 21.34
C GLU A 840 28.16 0.94 22.63
N ALA A 841 27.66 1.97 23.33
CA ALA A 841 28.32 2.35 24.56
C ALA A 841 28.26 1.22 25.56
N GLY A 842 27.18 0.46 25.57
CA GLY A 842 27.16 -0.70 26.43
C GLY A 842 28.08 -1.78 25.92
N ARG A 843 28.29 -1.83 24.61
CA ARG A 843 29.14 -2.90 24.10
C ARG A 843 30.59 -2.56 24.28
N ILE A 844 30.96 -1.31 24.01
CA ILE A 844 32.34 -0.87 24.21
C ILE A 844 32.72 -1.01 25.67
N ALA A 845 31.87 -0.52 26.57
CA ALA A 845 32.16 -0.68 28.00
C ALA A 845 32.33 -2.14 28.38
N ASP A 846 31.46 -3.02 27.88
CA ASP A 846 31.61 -4.45 28.17
C ASP A 846 32.98 -4.94 27.74
N GLN A 847 33.53 -4.34 26.71
CA GLN A 847 34.81 -4.85 26.22
C GLN A 847 35.98 -4.25 26.97
N PHE A 848 35.94 -2.97 27.26
CA PHE A 848 37.11 -2.33 27.89
C PHE A 848 36.99 -2.24 29.40
N LEU A 849 35.81 -2.39 29.97
CA LEU A 849 35.72 -2.30 31.43
C LEU A 849 35.35 -3.66 32.00
N GLY A 850 34.88 -4.57 31.17
CA GLY A 850 34.51 -5.91 31.63
C GLY A 850 33.08 -6.01 32.10
N ALA A 851 32.47 -7.17 31.94
CA ALA A 851 31.09 -7.31 32.41
C ALA A 851 31.14 -8.15 33.68
N MET A 852 30.94 -7.53 34.83
CA MET A 852 31.06 -8.30 36.08
C MET A 852 29.69 -8.86 36.47
N TYR A 853 28.66 -8.52 35.72
CA TYR A 853 27.28 -8.93 36.05
C TYR A 853 26.86 -10.18 35.28
N THR A 854 27.79 -10.93 34.72
CA THR A 854 27.36 -12.09 33.94
C THR A 854 27.59 -13.42 34.69
N LEU A 855 27.91 -13.38 35.98
CA LEU A 855 28.31 -14.55 36.80
C LEU A 855 27.20 -15.02 37.75
N ARG B 12 -4.17 -13.53 3.06
CA ARG B 12 -4.06 -14.76 2.25
C ARG B 12 -5.05 -14.70 1.09
N LYS B 13 -5.84 -13.64 1.03
CA LYS B 13 -6.78 -13.42 -0.09
C LYS B 13 -6.57 -11.97 -0.52
N PRO B 14 -6.62 -11.63 -1.81
CA PRO B 14 -6.42 -10.26 -2.23
C PRO B 14 -7.54 -9.36 -1.76
N PRO B 15 -7.34 -8.04 -1.68
CA PRO B 15 -8.37 -7.15 -1.20
C PRO B 15 -9.61 -7.16 -2.08
N LYS B 16 -10.77 -6.90 -1.48
CA LYS B 16 -12.02 -6.90 -2.27
C LYS B 16 -11.89 -5.84 -3.37
N GLY B 17 -12.28 -6.22 -4.59
CA GLY B 17 -12.19 -5.28 -5.72
C GLY B 17 -10.91 -5.49 -6.50
N MET B 18 -9.87 -6.02 -5.87
CA MET B 18 -8.64 -6.21 -6.63
C MET B 18 -8.64 -7.58 -7.30
N PHE B 19 -8.08 -7.65 -8.49
CA PHE B 19 -8.13 -8.89 -9.26
C PHE B 19 -6.70 -9.31 -9.61
N LEU B 20 -6.21 -10.32 -8.91
CA LEU B 20 -4.80 -10.67 -8.98
C LEU B 20 -4.75 -12.19 -8.90
N SER B 21 -4.53 -12.86 -10.02
CA SER B 21 -4.27 -14.29 -9.95
C SER B 21 -2.86 -14.52 -10.45
N GLN B 22 -2.32 -15.70 -10.15
CA GLN B 22 -1.00 -16.05 -10.67
C GLN B 22 -0.99 -15.86 -12.17
N GLU B 23 -1.96 -16.50 -12.86
CA GLU B 23 -1.93 -16.69 -14.30
C GLU B 23 -1.70 -15.33 -14.96
N ASP B 24 -2.42 -14.32 -14.48
CA ASP B 24 -2.43 -12.97 -15.03
C ASP B 24 -1.03 -12.36 -15.07
N VAL B 25 -0.22 -12.64 -14.05
CA VAL B 25 0.87 -11.72 -13.73
C VAL B 25 2.06 -11.90 -14.66
N GLU B 26 2.48 -13.15 -14.94
CA GLU B 26 3.55 -13.31 -15.92
C GLU B 26 3.13 -12.77 -17.27
N ALA B 27 1.85 -12.89 -17.60
CA ALA B 27 1.34 -12.36 -18.86
C ALA B 27 1.65 -10.88 -19.02
N VAL B 28 1.68 -10.14 -17.92
CA VAL B 28 1.81 -8.69 -18.00
C VAL B 28 3.21 -8.23 -17.66
N SER B 29 4.05 -9.13 -17.14
CA SER B 29 5.45 -8.88 -16.82
C SER B 29 6.41 -9.51 -17.84
N ALA B 30 5.92 -10.39 -18.73
CA ALA B 30 6.79 -11.24 -19.55
C ALA B 30 7.73 -10.47 -20.46
N ASN B 31 7.53 -9.17 -20.66
CA ASN B 31 8.51 -8.40 -21.40
C ASN B 31 8.35 -6.94 -21.00
N ALA B 32 9.03 -6.03 -21.70
CA ALA B 32 9.06 -4.64 -21.27
C ALA B 32 7.73 -3.95 -21.52
N THR B 33 7.06 -4.29 -22.62
CA THR B 33 5.77 -3.68 -22.98
C THR B 33 4.64 -4.69 -23.10
N ALA B 34 4.82 -5.91 -22.55
CA ALA B 34 3.75 -6.91 -22.53
C ALA B 34 2.50 -6.39 -21.84
N ALA B 35 2.64 -5.39 -20.98
CA ALA B 35 1.46 -4.76 -20.41
C ALA B 35 0.73 -3.92 -21.45
N THR B 36 1.48 -3.09 -22.15
CA THR B 36 0.80 -2.19 -23.11
C THR B 36 0.17 -3.05 -24.19
N THR B 37 0.88 -4.08 -24.62
CA THR B 37 0.30 -4.91 -25.69
C THR B 37 -0.98 -5.55 -25.19
N VAL B 38 -0.96 -6.14 -24.00
CA VAL B 38 -2.15 -6.90 -23.52
C VAL B 38 -3.35 -5.97 -23.40
N LEU B 39 -3.14 -4.77 -22.91
CA LEU B 39 -4.26 -3.81 -22.80
C LEU B 39 -4.73 -3.43 -24.21
N ARG B 40 -3.83 -3.29 -25.17
CA ARG B 40 -4.31 -2.91 -26.52
C ARG B 40 -5.20 -3.99 -27.12
N GLN B 41 -4.86 -5.27 -26.98
CA GLN B 41 -5.69 -6.33 -27.59
C GLN B 41 -7.10 -6.25 -27.01
N LEU B 42 -7.22 -6.08 -25.71
CA LEU B 42 -8.56 -5.92 -25.13
C LEU B 42 -9.15 -4.61 -25.65
N ASP B 43 -8.36 -3.56 -25.74
CA ASP B 43 -8.93 -2.28 -26.20
C ASP B 43 -9.44 -2.47 -27.63
N MET B 44 -8.66 -3.11 -28.48
CA MET B 44 -9.16 -3.27 -29.86
C MET B 44 -10.33 -4.24 -29.90
N GLU B 45 -10.24 -5.37 -29.21
CA GLU B 45 -11.35 -6.35 -29.28
C GLU B 45 -12.62 -5.73 -28.74
N LEU B 46 -12.50 -4.59 -28.09
CA LEU B 46 -13.70 -3.96 -27.57
C LEU B 46 -14.40 -3.16 -28.67
N VAL B 47 -13.66 -2.61 -29.63
CA VAL B 47 -14.31 -1.99 -30.78
C VAL B 47 -14.91 -3.05 -31.69
N SER B 48 -14.15 -4.13 -31.95
CA SER B 48 -14.59 -5.30 -32.69
C SER B 48 -16.03 -5.66 -32.33
N VAL B 49 -16.35 -5.65 -31.05
CA VAL B 49 -17.67 -6.07 -30.62
C VAL B 49 -18.67 -4.91 -30.60
N LYS B 50 -18.23 -3.67 -30.39
CA LYS B 50 -19.20 -2.60 -30.42
C LYS B 50 -19.81 -2.46 -31.82
N ARG B 51 -18.99 -2.51 -32.87
CA ARG B 51 -19.53 -2.45 -34.22
C ARG B 51 -20.40 -3.66 -34.55
N GLN B 52 -20.00 -4.86 -34.14
CA GLN B 52 -20.85 -6.00 -34.37
C GLN B 52 -22.22 -5.83 -33.70
N ILE B 53 -22.29 -4.98 -32.67
CA ILE B 53 -23.58 -4.63 -32.07
C ILE B 53 -24.34 -3.67 -32.96
N GLN B 54 -23.70 -2.57 -33.39
CA GLN B 54 -24.36 -1.66 -34.32
C GLN B 54 -24.92 -2.42 -35.51
N ASN B 55 -24.19 -3.42 -35.96
CA ASN B 55 -24.54 -4.09 -37.18
C ASN B 55 -25.65 -5.12 -36.95
N ILE B 56 -25.78 -5.67 -35.77
CA ILE B 56 -26.96 -6.50 -35.51
C ILE B 56 -28.10 -5.65 -34.92
N LYS B 57 -27.85 -4.43 -34.49
CA LYS B 57 -28.94 -3.46 -34.31
C LYS B 57 -29.59 -3.16 -35.65
N GLN B 58 -28.78 -2.87 -36.68
CA GLN B 58 -29.26 -2.53 -38.03
C GLN B 58 -30.02 -3.70 -38.66
N THR B 59 -29.39 -4.87 -38.76
CA THR B 59 -30.10 -6.08 -39.15
C THR B 59 -31.42 -6.24 -38.41
N ASN B 60 -31.41 -6.16 -37.09
CA ASN B 60 -32.65 -6.39 -36.38
C ASN B 60 -33.62 -5.22 -36.55
N SER B 61 -33.12 -4.02 -36.84
CA SER B 61 -34.02 -2.89 -37.02
C SER B 61 -34.82 -3.00 -38.31
N ALA B 62 -34.19 -3.51 -39.36
CA ALA B 62 -34.89 -3.76 -40.62
C ALA B 62 -35.91 -4.88 -40.48
N LEU B 63 -35.47 -6.04 -39.96
CA LEU B 63 -36.39 -7.15 -39.73
C LEU B 63 -37.61 -6.73 -38.92
N LYS B 64 -37.42 -5.81 -37.97
CA LYS B 64 -38.56 -5.35 -37.19
C LYS B 64 -39.54 -4.58 -38.06
N GLU B 65 -39.04 -3.82 -39.04
CA GLU B 65 -39.96 -3.01 -39.84
C GLU B 65 -40.80 -3.88 -40.77
N LYS B 66 -40.25 -4.99 -41.28
CA LYS B 66 -41.05 -5.91 -42.08
C LYS B 66 -42.25 -6.46 -41.33
N LEU B 67 -42.20 -6.45 -40.00
CA LEU B 67 -43.29 -7.00 -39.19
C LEU B 67 -44.29 -5.93 -38.76
N ASP B 68 -44.38 -4.86 -39.55
CA ASP B 68 -45.33 -3.76 -39.25
C ASP B 68 -46.73 -4.36 -39.17
N GLY B 69 -47.41 -4.17 -38.05
CA GLY B 69 -48.80 -4.61 -37.89
C GLY B 69 -48.95 -6.08 -37.54
N GLY B 70 -47.86 -6.82 -37.44
CA GLY B 70 -47.96 -8.24 -37.08
C GLY B 70 -48.88 -8.98 -38.02
N ILE B 71 -49.77 -9.75 -37.43
CA ILE B 71 -50.72 -10.60 -38.19
C ILE B 71 -52.13 -10.16 -37.83
N GLU B 72 -52.34 -8.88 -37.57
CA GLU B 72 -53.68 -8.42 -37.14
C GLU B 72 -54.72 -8.66 -38.24
N PRO B 73 -54.44 -8.40 -39.52
CA PRO B 73 -55.43 -8.60 -40.57
C PRO B 73 -55.72 -10.05 -40.95
N TYR B 74 -54.91 -10.98 -40.46
CA TYR B 74 -55.01 -12.41 -40.82
C TYR B 74 -55.62 -13.22 -39.68
N ARG B 75 -56.30 -12.61 -38.75
CA ARG B 75 -56.87 -13.42 -37.65
C ARG B 75 -58.34 -13.72 -37.91
N LEU B 76 -58.79 -14.93 -37.56
CA LEU B 76 -60.15 -15.36 -37.72
C LEU B 76 -60.81 -15.33 -36.36
N PRO B 77 -62.03 -14.84 -36.26
CA PRO B 77 -62.76 -14.90 -34.99
C PRO B 77 -62.80 -16.28 -34.35
N GLU B 78 -63.18 -16.33 -33.08
CA GLU B 78 -63.18 -17.54 -32.27
C GLU B 78 -64.50 -18.30 -32.46
N VAL B 79 -64.40 -19.56 -32.87
CA VAL B 79 -65.58 -20.42 -33.02
C VAL B 79 -65.96 -20.95 -31.64
N ILE B 80 -67.08 -20.46 -31.11
CA ILE B 80 -67.54 -20.80 -29.77
C ILE B 80 -68.56 -21.92 -29.97
N GLN B 81 -68.11 -23.18 -29.92
CA GLN B 81 -68.99 -24.27 -30.34
C GLN B 81 -69.09 -25.34 -29.27
N LYS B 82 -70.32 -25.57 -28.80
CA LYS B 82 -70.61 -26.59 -27.79
C LYS B 82 -70.40 -27.99 -28.36
N CYS B 83 -69.70 -28.84 -27.61
CA CYS B 83 -69.18 -30.12 -28.09
C CYS B 83 -70.23 -31.23 -28.01
N ASN B 84 -70.87 -31.51 -29.14
CA ASN B 84 -71.82 -32.60 -29.38
C ASN B 84 -71.15 -33.98 -29.19
N ALA B 85 -72.01 -35.00 -29.10
CA ALA B 85 -71.63 -36.40 -28.86
C ALA B 85 -71.92 -37.33 -30.03
N ARG B 86 -72.97 -37.06 -30.81
CA ARG B 86 -73.31 -37.86 -31.99
C ARG B 86 -72.51 -37.43 -33.21
N TRP B 87 -72.17 -38.42 -34.04
CA TRP B 87 -71.44 -38.22 -35.29
C TRP B 87 -72.43 -38.12 -36.45
N THR B 88 -72.59 -36.92 -37.01
CA THR B 88 -73.35 -36.83 -38.24
C THR B 88 -72.59 -37.53 -39.35
N THR B 89 -73.29 -37.89 -40.42
CA THR B 89 -72.59 -38.44 -41.58
C THR B 89 -71.53 -37.46 -42.08
N GLU B 90 -71.86 -36.15 -42.07
CA GLU B 90 -70.88 -35.12 -42.36
C GLU B 90 -69.63 -35.26 -41.50
N GLU B 91 -69.82 -35.35 -40.18
CA GLU B 91 -68.68 -35.22 -39.29
C GLU B 91 -67.77 -36.44 -39.42
N GLN B 92 -68.36 -37.62 -39.70
CA GLN B 92 -67.54 -38.77 -40.05
C GLN B 92 -66.63 -38.45 -41.24
N LEU B 93 -67.17 -37.75 -42.24
CA LEU B 93 -66.41 -37.55 -43.48
C LEU B 93 -65.30 -36.53 -43.29
N LEU B 94 -65.59 -35.42 -42.59
CA LEU B 94 -64.50 -34.54 -42.18
C LEU B 94 -63.41 -35.32 -41.47
N ALA B 95 -63.80 -36.23 -40.58
CA ALA B 95 -62.86 -37.04 -39.80
C ALA B 95 -61.85 -37.75 -40.70
N VAL B 96 -62.31 -38.73 -41.49
CA VAL B 96 -61.45 -39.44 -42.42
C VAL B 96 -60.49 -38.50 -43.15
N GLN B 97 -61.04 -37.43 -43.72
CA GLN B 97 -60.19 -36.50 -44.45
C GLN B 97 -59.13 -35.89 -43.55
N ALA B 98 -59.51 -35.52 -42.33
CA ALA B 98 -58.55 -35.02 -41.36
C ALA B 98 -57.46 -36.04 -41.08
N ILE B 99 -57.79 -37.33 -41.14
CA ILE B 99 -56.78 -38.33 -40.83
C ILE B 99 -55.77 -38.42 -41.96
N ARG B 100 -56.23 -38.46 -43.23
CA ARG B 100 -55.27 -38.46 -44.34
C ARG B 100 -54.48 -37.18 -44.39
N LYS B 101 -54.90 -36.11 -43.70
CA LYS B 101 -54.09 -34.92 -43.73
C LYS B 101 -53.27 -34.74 -42.47
N TYR B 102 -53.69 -35.31 -41.36
CA TYR B 102 -53.03 -35.07 -40.09
C TYR B 102 -52.46 -36.30 -39.40
N GLY B 103 -52.87 -37.48 -39.81
CA GLY B 103 -52.31 -38.69 -39.18
C GLY B 103 -52.86 -38.93 -37.80
N ARG B 104 -52.05 -38.72 -36.76
CA ARG B 104 -52.50 -39.00 -35.38
C ARG B 104 -52.64 -37.74 -34.55
N ASP B 105 -52.58 -36.56 -35.14
CA ASP B 105 -52.65 -35.38 -34.25
C ASP B 105 -54.11 -35.14 -33.89
N PHE B 106 -54.58 -35.79 -32.85
CA PHE B 106 -56.01 -35.69 -32.46
C PHE B 106 -56.40 -34.25 -32.13
N GLN B 107 -55.51 -33.46 -31.54
CA GLN B 107 -55.91 -32.08 -31.23
C GLN B 107 -56.26 -31.36 -32.53
N ALA B 108 -55.46 -31.51 -33.57
CA ALA B 108 -55.79 -30.82 -34.83
C ALA B 108 -57.11 -31.37 -35.35
N ILE B 109 -57.23 -32.69 -35.38
CA ILE B 109 -58.47 -33.33 -35.91
C ILE B 109 -59.69 -32.78 -35.18
N SER B 110 -59.62 -32.67 -33.87
CA SER B 110 -60.80 -32.13 -33.17
C SER B 110 -61.03 -30.70 -33.63
N ASP B 111 -59.96 -29.95 -33.84
CA ASP B 111 -60.19 -28.57 -34.24
C ASP B 111 -60.90 -28.48 -35.58
N VAL B 112 -60.63 -29.43 -36.48
CA VAL B 112 -61.25 -29.44 -37.79
C VAL B 112 -62.74 -29.72 -37.66
N ILE B 113 -63.08 -30.85 -37.03
CA ILE B 113 -64.49 -31.20 -36.88
C ILE B 113 -65.21 -30.15 -36.04
N GLY B 114 -64.56 -29.63 -35.01
CA GLY B 114 -65.06 -28.49 -34.28
C GLY B 114 -65.83 -28.82 -33.03
N ASN B 115 -66.77 -29.75 -33.20
CA ASN B 115 -67.66 -30.14 -32.09
C ASN B 115 -67.39 -31.56 -31.63
N LYS B 116 -66.13 -31.97 -31.71
CA LYS B 116 -65.78 -33.29 -31.19
C LYS B 116 -64.52 -33.10 -30.36
N SER B 117 -64.52 -33.66 -29.16
CA SER B 117 -63.34 -33.57 -28.27
C SER B 117 -62.32 -34.63 -28.66
N VAL B 118 -61.10 -34.53 -28.13
CA VAL B 118 -60.02 -35.48 -28.51
C VAL B 118 -60.39 -36.91 -28.13
N VAL B 119 -61.04 -37.10 -26.99
CA VAL B 119 -61.30 -38.51 -26.62
C VAL B 119 -62.25 -39.18 -27.62
N GLN B 120 -63.33 -38.51 -28.02
CA GLN B 120 -64.19 -39.27 -28.96
C GLN B 120 -63.41 -39.38 -30.26
N VAL B 121 -62.54 -38.42 -30.52
CA VAL B 121 -61.70 -38.62 -31.69
C VAL B 121 -60.91 -39.93 -31.58
N LYS B 122 -60.31 -40.20 -30.41
CA LYS B 122 -59.66 -41.50 -30.21
C LYS B 122 -60.66 -42.63 -30.32
N ASN B 123 -61.79 -42.49 -29.65
CA ASN B 123 -62.77 -43.60 -29.68
C ASN B 123 -63.16 -43.82 -31.13
N PHE B 124 -63.22 -42.72 -31.86
CA PHE B 124 -63.64 -42.80 -33.27
C PHE B 124 -62.67 -43.66 -34.06
N PHE B 125 -61.37 -43.55 -33.81
CA PHE B 125 -60.44 -44.35 -34.63
C PHE B 125 -60.73 -45.83 -34.42
N VAL B 126 -60.88 -46.22 -33.17
CA VAL B 126 -61.13 -47.66 -32.88
C VAL B 126 -62.52 -48.06 -33.34
N ASN B 127 -63.51 -47.21 -33.08
CA ASN B 127 -64.91 -47.58 -33.39
C ASN B 127 -65.15 -47.82 -34.87
N TYR B 128 -64.63 -46.97 -35.74
CA TYR B 128 -64.94 -47.11 -37.18
C TYR B 128 -63.75 -47.69 -37.92
N ARG B 129 -62.87 -48.36 -37.21
CA ARG B 129 -61.59 -48.81 -37.79
C ARG B 129 -61.78 -49.68 -39.03
N ARG B 130 -62.77 -50.55 -39.06
CA ARG B 130 -62.89 -51.42 -40.26
C ARG B 130 -63.78 -50.78 -41.33
N ARG B 131 -64.83 -50.05 -40.96
CA ARG B 131 -65.72 -49.53 -41.98
C ARG B 131 -65.13 -48.34 -42.74
N PHE B 132 -64.17 -47.64 -42.14
CA PHE B 132 -63.54 -46.50 -42.80
C PHE B 132 -62.08 -46.75 -43.10
N ASN B 133 -61.64 -48.00 -43.07
CA ASN B 133 -60.28 -48.39 -43.46
C ASN B 133 -59.23 -47.46 -42.86
N ILE B 134 -59.51 -47.01 -41.64
CA ILE B 134 -58.65 -46.08 -40.87
C ILE B 134 -57.20 -46.56 -40.96
N ASP B 135 -57.01 -47.86 -41.03
CA ASP B 135 -55.63 -48.39 -41.12
C ASP B 135 -55.02 -47.97 -42.45
N GLU B 136 -55.75 -48.15 -43.54
CA GLU B 136 -55.16 -47.85 -44.86
C GLU B 136 -54.85 -46.37 -44.95
N VAL B 137 -55.77 -45.55 -44.43
CA VAL B 137 -55.61 -44.08 -44.53
C VAL B 137 -54.31 -43.69 -43.85
N LEU B 138 -54.03 -44.24 -42.67
CA LEU B 138 -52.78 -43.87 -41.98
C LEU B 138 -51.57 -44.28 -42.82
N GLN B 139 -51.62 -45.45 -43.47
CA GLN B 139 -50.46 -45.86 -44.30
C GLN B 139 -50.26 -44.82 -45.39
N GLU B 140 -51.34 -44.37 -46.03
CA GLU B 140 -51.21 -43.34 -47.09
C GLU B 140 -50.65 -42.08 -46.46
N TRP B 141 -51.08 -41.70 -45.25
CA TRP B 141 -50.52 -40.50 -44.60
C TRP B 141 -49.05 -40.71 -44.29
N GLU B 142 -48.67 -41.92 -43.90
CA GLU B 142 -47.26 -42.16 -43.54
C GLU B 142 -46.35 -41.85 -44.72
N ALA B 143 -46.73 -42.22 -45.94
CA ALA B 143 -45.83 -41.94 -47.09
C ALA B 143 -46.01 -40.52 -47.60
N GLU B 144 -45.58 -39.51 -46.82
CA GLU B 144 -45.67 -38.07 -47.18
C GLU B 144 -44.99 -37.27 -46.08
#